data_6P9Y
#
_entry.id   6P9Y
#
_cell.length_a   1.00
_cell.length_b   1.00
_cell.length_c   1.00
_cell.angle_alpha   90.00
_cell.angle_beta   90.00
_cell.angle_gamma   90.00
#
_symmetry.space_group_name_H-M   'P 1'
#
loop_
_entity.id
_entity.type
_entity.pdbx_description
1 polymer 'Guanine nucleotide-binding protein G(s) subunit alpha isoforms short'
2 polymer 'Guanine nucleotide-binding protein G(I)/G(S)/G(T) subunit beta-1'
3 polymer 'Guanine nucleotide-binding protein G(I)/G(S)/G(O) subunit gamma-2'
4 polymer 'Nanobody 35'
5 polymer 'Pituitary adenylate cyclase-activating polypeptide'
6 polymer 'Pituitary adenylate cyclase-activating polypeptide type I receptor'
#
loop_
_entity_poly.entity_id
_entity_poly.type
_entity_poly.pdbx_seq_one_letter_code
_entity_poly.pdbx_strand_id
1 'polypeptide(L)'
;MGCLGNSKTEDQRNEEKAQREANKKIEKQLQKDKQVYRATHRLLLLGAGESGKSTIVKQMRILHVNGFNGEGGEEDPQAA
RSNSDGEKATKVQDIKNNLKEAIETIVAAMSNLVPPVELANPENQFRVDYILSVMNVPDFDFPPEFYEHAKALWEDEGVR
ACYERSNEYQLIDCAQYFLDKIDVIKQADYVPSDQDLLRCRVLTSGIFETKFQVDKVNFHMFDVGGQRDERRKWIQCFND
VTAIIFVVASSSYNMVIREDNQTNRLQEALKLFDSIWNNKWLRDTSVILFLNKQDLLAEKVLAGKSKIEDYFPEFARYTT
PEDATPEPGEDPRVTRAKYFIRDEFLRISTASGDGRHYCYPHFTCAVDTENIRRVFNDCRDIIQRMHLRQYELL
;
A
2 'polypeptide(L)'
;MHHHHHHGSSGSELDQLRQEAEQLKNQIRDARKACADATLSQITNNIDPVGRIQMRTRRTLRGHLAKIYAMHWGTDSRLL
VSASQDGKLIIWDSYTTNKVHAIPLRSSWVMTCAYAPSGNYVACGGLDNICSIYNLKTREGNVRVSRELAGHTGYLSCCR
FLDDNQIVTSSGDTTCALWDIETGQQTTTFTGHTGDVMSLSLAPDTRLFVSGACDASAKLWDVREGMCRQTFTGHESDIN
AICFFPNGNAFATGSDDATCRLFDLRADQELMTYSHDNIICGITSVSFSKSGRLLLAGYDDFNCNVWDALKADRAGVLAG
HDNRVSCLGVTDDGMAVATGSWDSFLKIWN
;
B
3 'polypeptide(L)' MASNNTASIAQARKLVEQLKMEANIDRIKVSKAAADLMAYCEAHAKEDPLLTPVPASENPFREKKFFCAIL G
4 'polypeptide(L)'
;QVQLQESGGGLVQPGGSLRLSCAASGFTFSNYKMNWVRQAPGKGLEWVSDISQSGASISYTGSVKGRFTISRDNAKNTLY
LQMNSLKPEDTAVYYCARCPAPFTRDCFDVTSTTYAYRGQGTQVTVSSHHHHHHEPEA
;
N
5 'polypeptide(L)' HSDGIFTDSYSRYRKQMAVKKYLAAVLGKRYKQRVKNK(NH2) P
6 'polypeptide(L)'
;DYKDDDDLEVLFQGPAMHSDCIFKKEQAMCLEKIQRANELMGFNDSSPGCPGMWDNITCWKPAHVGEMVLVSCPELFRIF
NPDQVWETETIGESDFGDSNSLDLSDMGVVSRNCTEDGWSEPFPHYFDACGFDEYESETGDQDYYYLSVKALYTVGYSTS
LVTLTTAMVILCRFRKLHCTRNFIHMNLFVSFMLRAISVFIKDWILYAEQDSNHCFISTVECKAVMVFFHYCVVSNYFWL
FIEGLYLFTLLVETFFPERRYFYWYTIIGWGTPTVCVTVWATLRLYFDDTGCWDMNDSTALWWVIKGPVVGSIMVNFVLF
IGIIVILVQKLQSPDMGGNESSIYLRLARSTLLLIPLFGIHYTVFAFSPENVSKRERLVFELGLGSFQGFVVAVLYCFLN
GEVQAEIKRKWRSWKVNRYFAVDFKHRHPSLASSGVNGGTQLSILSKSSSQIRMSGLPADNLATPAGLEVLFQGPHHHHH
HHH
;
R
#
loop_
_chem_comp.id
_chem_comp.type
_chem_comp.name
_chem_comp.formula
NH2 non-polymer 'AMINO GROUP' 'H2 N'
#
# COMPACT_ATOMS: atom_id res chain seq x y z
N GLN A 12 -28.57 -27.00 -9.72
CA GLN A 12 -29.70 -26.64 -8.87
C GLN A 12 -29.83 -25.12 -8.83
N ARG A 13 -31.03 -24.62 -9.12
CA ARG A 13 -31.24 -23.18 -9.32
C ARG A 13 -31.86 -22.47 -8.12
N ASN A 14 -32.51 -23.19 -7.20
CA ASN A 14 -33.24 -22.51 -6.14
C ASN A 14 -32.32 -22.14 -4.97
N GLU A 15 -31.47 -23.07 -4.53
CA GLU A 15 -30.56 -22.73 -3.45
C GLU A 15 -29.53 -21.70 -3.89
N GLU A 16 -29.18 -21.67 -5.18
CA GLU A 16 -28.32 -20.60 -5.67
C GLU A 16 -29.04 -19.26 -5.64
N LYS A 17 -30.37 -19.27 -5.70
CA LYS A 17 -31.13 -18.04 -5.51
C LYS A 17 -31.09 -17.61 -4.05
N ALA A 18 -31.27 -18.54 -3.11
CA ALA A 18 -31.13 -18.21 -1.70
C ALA A 18 -29.71 -17.76 -1.37
N GLN A 19 -28.70 -18.34 -2.03
CA GLN A 19 -27.33 -17.89 -1.82
C GLN A 19 -27.13 -16.49 -2.38
N ARG A 20 -27.64 -16.23 -3.59
CA ARG A 20 -27.50 -14.91 -4.19
C ARG A 20 -28.33 -13.86 -3.47
N GLU A 21 -29.26 -14.27 -2.61
CA GLU A 21 -29.95 -13.30 -1.76
C GLU A 21 -29.17 -13.02 -0.49
N ALA A 22 -28.40 -14.01 -0.01
CA ALA A 22 -27.51 -13.77 1.12
C ALA A 22 -26.35 -12.86 0.72
N ASN A 23 -25.85 -13.01 -0.51
CA ASN A 23 -24.89 -12.05 -1.02
C ASN A 23 -25.52 -10.67 -1.18
N LYS A 24 -26.84 -10.61 -1.38
CA LYS A 24 -27.53 -9.35 -1.55
C LYS A 24 -27.77 -8.65 -0.21
N LYS A 25 -28.02 -9.42 0.86
CA LYS A 25 -28.12 -8.82 2.18
C LYS A 25 -26.76 -8.44 2.73
N ILE A 26 -25.72 -9.18 2.38
CA ILE A 26 -24.37 -8.86 2.83
C ILE A 26 -23.86 -7.60 2.16
N GLU A 27 -23.98 -7.52 0.84
CA GLU A 27 -23.51 -6.33 0.12
C GLU A 27 -24.26 -5.07 0.53
N LYS A 28 -25.47 -5.20 1.07
CA LYS A 28 -26.14 -4.03 1.63
C LYS A 28 -25.53 -3.61 2.95
N GLN A 29 -24.99 -4.56 3.72
CA GLN A 29 -24.30 -4.21 4.96
C GLN A 29 -22.90 -3.72 4.68
N LEU A 30 -22.22 -4.30 3.68
CA LEU A 30 -20.90 -3.82 3.31
C LEU A 30 -20.94 -2.41 2.74
N GLN A 31 -22.12 -1.92 2.37
CA GLN A 31 -22.27 -0.54 1.93
C GLN A 31 -22.60 0.40 3.08
N LYS A 32 -23.33 -0.07 4.09
CA LYS A 32 -23.55 0.73 5.28
C LYS A 32 -22.31 0.79 6.18
N ASP A 33 -21.33 -0.07 5.93
CA ASP A 33 -20.05 -0.03 6.63
C ASP A 33 -19.00 0.75 5.86
N LYS A 34 -19.09 0.80 4.53
CA LYS A 34 -18.14 1.58 3.74
C LYS A 34 -18.29 3.07 4.04
N GLN A 35 -19.50 3.50 4.40
CA GLN A 35 -19.71 4.91 4.73
C GLN A 35 -19.13 5.25 6.09
N VAL A 36 -19.27 4.34 7.06
CA VAL A 36 -18.75 4.61 8.40
C VAL A 36 -17.24 4.38 8.44
N TYR A 37 -16.72 3.58 7.49
CA TYR A 37 -15.28 3.38 7.43
C TYR A 37 -14.58 4.60 6.84
N ARG A 38 -15.16 5.19 5.79
CA ARG A 38 -14.55 6.36 5.18
C ARG A 38 -14.75 7.60 6.05
N ALA A 39 -15.76 7.59 6.92
CA ALA A 39 -16.01 8.74 7.78
C ALA A 39 -15.00 8.82 8.91
N THR A 40 -14.61 7.68 9.46
CA THR A 40 -13.65 7.67 10.56
C THR A 40 -12.23 7.75 10.02
N HIS A 41 -11.38 8.46 10.75
CA HIS A 41 -9.98 8.64 10.38
C HIS A 41 -9.11 7.95 11.42
N ARG A 42 -8.30 7.00 10.95
CA ARG A 42 -7.42 6.25 11.84
C ARG A 42 -6.21 7.08 12.22
N LEU A 43 -5.69 6.84 13.42
CA LEU A 43 -4.51 7.55 13.92
C LEU A 43 -3.69 6.59 14.76
N LEU A 44 -2.41 6.46 14.44
CA LEU A 44 -1.50 5.64 15.22
C LEU A 44 -0.76 6.54 16.21
N LEU A 45 -0.89 6.24 17.50
CA LEU A 45 -0.24 7.00 18.56
C LEU A 45 1.03 6.25 18.96
N LEU A 46 2.15 6.69 18.41
CA LEU A 46 3.44 6.06 18.68
C LEU A 46 4.15 6.78 19.81
N GLY A 47 5.23 6.16 20.29
CA GLY A 47 6.01 6.72 21.39
C GLY A 47 7.40 6.14 21.48
N SER A 205 -5.86 -6.34 24.85
CA SER A 205 -4.88 -5.53 25.56
C SER A 205 -3.66 -5.24 24.68
N GLY A 206 -3.58 -5.95 23.54
CA GLY A 206 -2.48 -5.74 22.62
C GLY A 206 -2.52 -4.40 21.90
N ILE A 207 -3.67 -3.73 21.92
CA ILE A 207 -3.80 -2.40 21.32
C ILE A 207 -5.02 -1.74 21.93
N PHE A 208 -4.89 -0.46 22.23
CA PHE A 208 -5.95 0.33 22.85
C PHE A 208 -6.46 1.37 21.87
N GLU A 209 -7.78 1.49 21.79
CA GLU A 209 -8.43 2.43 20.88
C GLU A 209 -9.03 3.60 21.65
N THR A 210 -8.70 4.81 21.24
CA THR A 210 -9.34 6.02 21.74
C THR A 210 -10.18 6.63 20.64
N LYS A 211 -11.47 6.82 20.91
CA LYS A 211 -12.43 7.33 19.95
C LYS A 211 -12.87 8.72 20.39
N PHE A 212 -12.20 9.74 19.89
CA PHE A 212 -12.59 11.12 20.12
C PHE A 212 -13.21 11.71 18.86
N GLN A 213 -13.93 12.81 19.04
CA GLN A 213 -14.66 13.44 17.95
C GLN A 213 -14.46 14.94 18.02
N VAL A 214 -13.88 15.51 16.96
CA VAL A 214 -13.64 16.94 16.87
C VAL A 214 -14.46 17.47 15.71
N ASP A 215 -15.41 18.37 16.01
CA ASP A 215 -16.29 18.95 15.00
C ASP A 215 -17.07 17.87 14.25
N LYS A 216 -17.65 16.93 14.99
CA LYS A 216 -18.46 15.84 14.44
C LYS A 216 -17.68 14.98 13.46
N VAL A 217 -16.36 14.91 13.63
CA VAL A 217 -15.50 14.06 12.81
C VAL A 217 -14.97 12.93 13.70
N ASN A 218 -15.23 11.69 13.29
CA ASN A 218 -14.85 10.54 14.09
C ASN A 218 -13.38 10.23 13.88
N PHE A 219 -12.59 10.34 14.95
CA PHE A 219 -11.17 10.00 14.94
C PHE A 219 -10.95 8.77 15.81
N HIS A 220 -10.14 7.84 15.32
CA HIS A 220 -9.82 6.62 16.04
C HIS A 220 -8.31 6.53 16.23
N MET A 221 -7.86 6.75 17.46
CA MET A 221 -6.44 6.74 17.80
C MET A 221 -6.13 5.40 18.44
N PHE A 222 -5.09 4.73 17.93
CA PHE A 222 -4.76 3.36 18.32
C PHE A 222 -3.38 3.32 18.96
N ASP A 223 -3.35 3.16 20.28
CA ASP A 223 -2.11 3.05 21.03
C ASP A 223 -1.70 1.58 21.09
N VAL A 224 -0.48 1.28 20.64
CA VAL A 224 0.06 -0.09 20.71
C VAL A 224 0.64 -0.28 22.12
N GLY A 225 -0.16 -0.89 22.99
CA GLY A 225 0.23 -1.01 24.39
C GLY A 225 1.07 -2.23 24.72
N GLY A 226 0.55 -3.42 24.42
CA GLY A 226 1.19 -4.66 24.83
C GLY A 226 2.14 -5.22 23.79
N GLN A 227 2.50 -4.44 22.78
CA GLN A 227 3.42 -4.92 21.75
C GLN A 227 4.86 -4.75 22.21
N ARG A 228 5.73 -5.63 21.71
CA ARG A 228 7.14 -5.55 22.03
C ARG A 228 7.79 -4.36 21.33
N ASP A 229 9.02 -4.07 21.72
CA ASP A 229 9.76 -2.93 21.19
C ASP A 229 10.44 -3.22 19.86
N GLU A 230 10.03 -4.28 19.16
CA GLU A 230 10.48 -4.55 17.80
C GLU A 230 9.31 -4.24 16.87
N ARG A 231 9.44 -3.15 16.12
CA ARG A 231 8.32 -2.61 15.36
C ARG A 231 8.39 -2.91 13.88
N ARG A 232 9.45 -3.54 13.40
CA ARG A 232 9.64 -3.70 11.96
C ARG A 232 8.53 -4.49 11.28
N LYS A 233 7.66 -5.15 12.04
CA LYS A 233 6.61 -5.99 11.47
C LYS A 233 5.21 -5.45 11.70
N TRP A 234 4.87 -5.07 12.93
CA TRP A 234 3.52 -4.57 13.18
C TRP A 234 3.37 -3.10 12.86
N ILE A 235 4.44 -2.41 12.46
CA ILE A 235 4.29 -1.03 12.00
C ILE A 235 3.80 -0.97 10.57
N GLN A 236 3.98 -2.03 9.80
CA GLN A 236 3.49 -2.06 8.42
C GLN A 236 1.98 -2.11 8.35
N CYS A 237 1.30 -2.44 9.44
CA CYS A 237 -0.15 -2.43 9.44
C CYS A 237 -0.70 -1.01 9.36
N PHE A 238 0.00 -0.04 9.92
CA PHE A 238 -0.45 1.34 9.96
C PHE A 238 0.11 2.16 8.80
N ASN A 239 -0.08 1.70 7.57
CA ASN A 239 0.33 2.52 6.43
C ASN A 239 -0.83 3.28 5.82
N ASP A 240 -2.03 2.71 5.87
CA ASP A 240 -3.24 3.38 5.42
C ASP A 240 -3.77 4.35 6.46
N VAL A 241 -3.04 4.56 7.55
CA VAL A 241 -3.49 5.45 8.61
C VAL A 241 -3.33 6.90 8.15
N THR A 242 -4.19 7.78 8.66
CA THR A 242 -4.13 9.19 8.28
C THR A 242 -2.79 9.80 8.65
N ALA A 243 -2.49 9.81 9.95
CA ALA A 243 -1.24 10.37 10.45
C ALA A 243 -0.74 9.51 11.60
N ILE A 244 0.58 9.43 11.72
CA ILE A 244 1.22 8.73 12.82
C ILE A 244 1.56 9.78 13.88
N ILE A 245 0.73 9.88 14.91
CA ILE A 245 1.03 10.78 16.01
C ILE A 245 2.26 10.26 16.74
N PHE A 246 3.31 11.08 16.79
CA PHE A 246 4.61 10.66 17.30
C PHE A 246 4.96 11.57 18.49
N VAL A 247 4.79 11.06 19.70
CA VAL A 247 5.08 11.83 20.90
C VAL A 247 6.52 11.58 21.32
N VAL A 248 7.28 12.65 21.50
CA VAL A 248 8.68 12.60 21.87
C VAL A 248 8.82 13.07 23.31
N ALA A 249 9.70 12.42 24.06
CA ALA A 249 9.93 12.79 25.45
C ALA A 249 11.29 13.45 25.63
N ASN A 264 19.62 8.82 26.78
CA ASN A 264 19.45 9.56 25.53
C ASN A 264 18.10 9.24 24.90
N ARG A 265 17.02 9.66 25.56
CA ARG A 265 15.68 9.41 25.05
C ARG A 265 15.35 10.23 23.81
N LEU A 266 16.16 11.22 23.47
CA LEU A 266 15.90 12.06 22.32
C LEU A 266 16.56 11.54 21.05
N GLN A 267 17.83 11.10 21.15
CA GLN A 267 18.48 10.51 20.00
C GLN A 267 17.82 9.20 19.60
N GLU A 268 17.18 8.51 20.55
CA GLU A 268 16.43 7.31 20.21
C GLU A 268 15.19 7.65 19.40
N ALA A 269 14.54 8.78 19.71
CA ALA A 269 13.38 9.20 18.95
C ALA A 269 13.76 9.75 17.58
N LEU A 270 14.93 10.36 17.47
CA LEU A 270 15.40 10.83 16.16
C LEU A 270 15.73 9.65 15.26
N LYS A 271 16.25 8.57 15.83
CA LYS A 271 16.56 7.38 15.07
C LYS A 271 15.32 6.54 14.79
N LEU A 272 14.28 6.67 15.59
CA LEU A 272 13.01 6.01 15.31
C LEU A 272 12.21 6.77 14.26
N PHE A 273 12.14 8.10 14.39
CA PHE A 273 11.46 8.90 13.39
C PHE A 273 12.13 8.76 12.03
N ASP A 274 13.45 8.58 12.01
CA ASP A 274 14.16 8.38 10.75
C ASP A 274 13.78 7.06 10.09
N SER A 275 13.29 6.09 10.89
CA SER A 275 12.87 4.82 10.32
C SER A 275 11.41 4.85 9.89
N ILE A 276 10.55 5.51 10.69
CA ILE A 276 9.17 5.70 10.28
C ILE A 276 9.10 6.51 9.00
N TRP A 277 10.03 7.45 8.82
CA TRP A 277 10.03 8.31 7.64
C TRP A 277 10.50 7.57 6.40
N ASN A 278 11.56 6.77 6.53
CA ASN A 278 12.21 6.13 5.39
C ASN A 278 11.76 4.70 5.16
N ASN A 279 10.58 4.36 5.69
CA ASN A 279 9.96 3.04 5.47
C ASN A 279 9.16 3.09 4.16
N LYS A 280 9.31 2.08 3.30
CA LYS A 280 8.61 2.09 1.98
C LYS A 280 7.10 2.13 2.21
N TRP A 281 6.60 1.32 3.15
CA TRP A 281 5.16 1.27 3.46
C TRP A 281 4.69 2.62 4.04
N LEU A 282 5.50 3.22 4.92
CA LEU A 282 5.07 4.47 5.60
C LEU A 282 5.57 5.71 4.85
N ARG A 283 6.05 5.53 3.61
CA ARG A 283 6.52 6.67 2.82
C ARG A 283 5.41 7.60 2.40
N ASP A 284 4.15 7.16 2.48
CA ASP A 284 3.00 7.98 2.13
C ASP A 284 2.21 8.41 3.35
N THR A 285 2.75 8.20 4.54
CA THR A 285 2.04 8.42 5.80
C THR A 285 2.67 9.61 6.50
N SER A 286 1.90 10.69 6.63
CA SER A 286 2.35 11.86 7.36
C SER A 286 2.57 11.51 8.83
N VAL A 287 3.36 12.33 9.51
CA VAL A 287 3.73 12.09 10.89
C VAL A 287 3.51 13.37 11.68
N ILE A 288 2.38 13.48 12.37
CA ILE A 288 2.22 14.52 13.38
C ILE A 288 3.17 14.23 14.52
N LEU A 289 3.81 15.27 15.05
CA LEU A 289 4.92 15.10 15.97
C LEU A 289 4.77 16.06 17.14
N PHE A 290 4.75 15.51 18.36
CA PHE A 290 4.61 16.30 19.57
C PHE A 290 5.89 16.23 20.38
N LEU A 291 6.23 17.35 21.04
CA LEU A 291 7.49 17.49 21.76
C LEU A 291 7.20 18.03 23.16
N ASN A 292 7.32 17.17 24.16
CA ASN A 292 7.15 17.59 25.54
C ASN A 292 8.47 18.16 26.07
N LYS A 293 8.40 19.31 26.71
CA LYS A 293 9.60 19.99 27.17
C LYS A 293 9.28 20.87 28.38
N GLN A 294 10.15 20.85 29.37
CA GLN A 294 10.03 21.68 30.56
C GLN A 294 11.39 22.23 30.93
N ASP A 295 11.39 23.17 31.87
CA ASP A 295 12.64 23.79 32.32
C ASP A 295 13.41 22.86 33.26
N ILE A 308 20.99 18.43 27.34
CA ILE A 308 20.80 18.71 25.93
C ILE A 308 22.14 19.04 25.28
N GLU A 309 23.07 19.54 26.09
CA GLU A 309 24.42 19.82 25.61
C GLU A 309 25.31 18.59 25.63
N ASP A 310 25.10 17.69 26.60
CA ASP A 310 25.91 16.48 26.70
C ASP A 310 25.59 15.50 25.59
N TYR A 311 24.35 15.48 25.12
CA TYR A 311 23.96 14.57 24.04
C TYR A 311 24.10 15.19 22.66
N PHE A 312 24.02 16.51 22.57
CA PHE A 312 24.16 17.21 21.30
C PHE A 312 25.15 18.36 21.44
N PRO A 313 26.30 18.30 20.76
CA PRO A 313 27.29 19.38 20.92
C PRO A 313 27.02 20.58 20.04
N GLU A 314 26.26 20.43 18.95
CA GLU A 314 25.92 21.57 18.11
C GLU A 314 24.98 22.54 18.81
N PHE A 315 24.47 22.19 19.99
CA PHE A 315 23.61 23.12 20.72
C PHE A 315 24.39 24.28 21.32
N ALA A 316 25.70 24.12 21.50
CA ALA A 316 26.54 25.24 21.89
C ALA A 316 26.85 26.18 20.75
N ARG A 317 26.42 25.84 19.52
CA ARG A 317 26.62 26.69 18.35
C ARG A 317 25.32 27.00 17.64
N TYR A 318 24.18 26.65 18.24
CA TYR A 318 22.87 26.88 17.64
C TYR A 318 22.19 28.03 18.36
N THR A 319 21.77 29.03 17.59
CA THR A 319 21.01 30.17 18.10
C THR A 319 19.60 30.11 17.51
N THR A 320 18.60 30.37 18.35
CA THR A 320 17.21 30.28 17.92
C THR A 320 16.96 31.25 16.76
N PRO A 321 16.26 30.80 15.72
CA PRO A 321 15.93 31.70 14.61
C PRO A 321 15.00 32.81 15.06
N GLU A 322 15.12 33.96 14.39
CA GLU A 322 14.34 35.13 14.78
C GLU A 322 12.85 34.96 14.51
N ASP A 323 12.47 34.08 13.57
CA ASP A 323 11.07 33.84 13.30
C ASP A 323 10.38 33.00 14.37
N ALA A 324 11.13 32.53 15.37
CA ALA A 324 10.54 31.74 16.44
C ALA A 324 9.74 32.62 17.38
N THR A 325 8.50 32.23 17.66
CA THR A 325 7.62 32.99 18.53
C THR A 325 7.46 32.30 19.88
N PRO A 326 8.12 32.77 20.93
CA PRO A 326 7.97 32.14 22.25
C PRO A 326 6.74 32.65 22.98
N GLU A 327 6.04 31.73 23.64
CA GLU A 327 4.90 32.16 24.44
C GLU A 327 5.39 32.68 25.80
N PRO A 328 4.83 33.78 26.27
CA PRO A 328 5.35 34.40 27.50
C PRO A 328 5.16 33.50 28.71
N GLY A 329 6.20 33.44 29.54
CA GLY A 329 6.13 32.66 30.77
C GLY A 329 7.35 31.81 31.05
N GLU A 330 8.38 31.92 30.20
CA GLU A 330 9.59 31.12 30.37
C GLU A 330 10.75 31.79 29.63
N ASP A 331 11.96 31.42 30.04
CA ASP A 331 13.16 32.06 29.54
C ASP A 331 13.33 31.84 28.03
N PRO A 332 14.12 32.69 27.38
CA PRO A 332 14.44 32.46 25.95
C PRO A 332 15.48 31.36 25.74
N ARG A 333 15.90 30.66 26.79
CA ARG A 333 16.87 29.58 26.64
C ARG A 333 16.22 28.26 26.29
N VAL A 334 15.08 27.94 26.92
CA VAL A 334 14.37 26.72 26.53
C VAL A 334 13.77 26.87 25.14
N THR A 335 13.42 28.10 24.76
CA THR A 335 12.99 28.34 23.38
C THR A 335 14.12 28.02 22.41
N ARG A 336 15.36 28.31 22.80
CA ARG A 336 16.50 27.88 21.99
C ARG A 336 16.61 26.36 21.96
N ALA A 337 16.14 25.69 23.01
CA ALA A 337 16.14 24.23 23.07
C ALA A 337 14.93 23.61 22.40
N LYS A 338 13.75 24.23 22.56
CA LYS A 338 12.55 23.72 21.91
C LYS A 338 12.68 23.77 20.40
N TYR A 339 13.36 24.77 19.87
CA TYR A 339 13.51 24.91 18.42
C TYR A 339 14.72 24.18 17.89
N PHE A 340 15.65 23.76 18.75
CA PHE A 340 16.76 22.93 18.28
C PHE A 340 16.30 21.51 18.01
N ILE A 341 15.49 20.96 18.92
CA ILE A 341 14.93 19.63 18.69
C ILE A 341 13.99 19.64 17.51
N ARG A 342 13.18 20.69 17.37
CA ARG A 342 12.30 20.81 16.22
C ARG A 342 13.07 20.85 14.91
N ASP A 343 14.22 21.54 14.90
CA ASP A 343 15.08 21.54 13.73
C ASP A 343 15.86 20.25 13.57
N GLU A 344 15.88 19.38 14.60
CA GLU A 344 16.54 18.09 14.46
C GLU A 344 15.64 17.06 13.80
N PHE A 345 14.33 17.19 14.00
CA PHE A 345 13.38 16.31 13.32
C PHE A 345 13.10 16.76 11.90
N LEU A 346 13.22 18.05 11.63
CA LEU A 346 13.05 18.57 10.27
C LEU A 346 14.26 18.33 9.39
N ARG A 347 15.42 18.04 9.99
CA ARG A 347 16.56 17.60 9.20
C ARG A 347 16.29 16.26 8.53
N ILE A 348 15.50 15.41 9.18
CA ILE A 348 15.12 14.12 8.60
C ILE A 348 13.88 14.27 7.73
N SER A 349 12.92 15.10 8.16
CA SER A 349 11.67 15.25 7.44
C SER A 349 11.88 15.88 6.07
N THR A 350 12.95 16.67 5.89
CA THR A 350 13.19 17.37 4.65
C THR A 350 14.27 16.71 3.79
N ALA A 351 15.16 15.91 4.37
CA ALA A 351 16.19 15.26 3.60
C ALA A 351 15.64 14.23 2.64
N SER A 352 14.44 13.70 2.90
CA SER A 352 13.81 12.73 2.03
C SER A 352 12.31 12.97 2.03
N GLY A 353 11.65 12.47 0.99
CA GLY A 353 10.23 12.71 0.83
C GLY A 353 9.95 13.77 -0.23
N ASP A 354 9.49 13.34 -1.40
CA ASP A 354 9.25 14.23 -2.52
C ASP A 354 7.89 14.90 -2.46
N GLY A 355 7.26 14.94 -1.29
CA GLY A 355 5.95 15.53 -1.13
C GLY A 355 4.83 14.55 -0.85
N ARG A 356 5.15 13.28 -0.58
CA ARG A 356 4.10 12.29 -0.32
C ARG A 356 3.62 12.36 1.13
N HIS A 357 4.52 12.63 2.06
CA HIS A 357 4.17 12.72 3.47
C HIS A 357 4.87 13.93 4.07
N TYR A 358 4.29 14.47 5.13
CA TYR A 358 4.76 15.70 5.74
C TYR A 358 4.81 15.54 7.25
N CYS A 359 5.79 16.17 7.88
CA CYS A 359 5.89 16.20 9.33
C CYS A 359 5.27 17.48 9.86
N TYR A 360 4.60 17.38 11.00
CA TYR A 360 3.90 18.49 11.61
C TYR A 360 4.33 18.60 13.07
N PRO A 361 5.49 19.20 13.33
CA PRO A 361 5.99 19.27 14.70
C PRO A 361 5.18 20.27 15.52
N HIS A 362 5.04 19.98 16.81
CA HIS A 362 4.28 20.82 17.73
C HIS A 362 4.98 20.84 19.08
N PHE A 363 4.41 21.59 20.01
CA PHE A 363 4.93 21.73 21.36
C PHE A 363 3.80 21.49 22.36
N THR A 364 4.15 20.87 23.48
CA THR A 364 3.17 20.55 24.50
C THR A 364 3.72 20.79 25.90
N ASN A 371 -2.83 19.29 21.89
CA ASN A 371 -4.15 18.77 22.17
C ASN A 371 -4.80 18.18 20.92
N ILE A 372 -6.11 17.91 21.00
CA ILE A 372 -6.80 17.27 19.88
C ILE A 372 -7.12 18.25 18.77
N ARG A 373 -7.13 19.54 19.04
CA ARG A 373 -7.41 20.53 18.00
C ARG A 373 -6.27 20.60 17.00
N ARG A 374 -5.03 20.50 17.47
CA ARG A 374 -3.88 20.53 16.57
C ARG A 374 -3.80 19.28 15.70
N VAL A 375 -4.30 18.14 16.19
CA VAL A 375 -4.35 16.94 15.35
C VAL A 375 -5.48 17.06 14.33
N PHE A 376 -6.58 17.71 14.73
CA PHE A 376 -7.68 17.92 13.80
C PHE A 376 -7.26 18.80 12.63
N ASN A 377 -6.66 19.95 12.92
CA ASN A 377 -6.23 20.85 11.86
C ASN A 377 -5.13 20.23 11.02
N ASP A 378 -4.23 19.45 11.65
CA ASP A 378 -3.14 18.84 10.90
C ASP A 378 -3.65 17.71 10.03
N CYS A 379 -4.70 17.02 10.46
CA CYS A 379 -5.29 15.96 9.63
C CYS A 379 -5.99 16.55 8.42
N ARG A 380 -6.57 17.74 8.57
CA ARG A 380 -7.18 18.42 7.42
C ARG A 380 -6.11 18.82 6.40
N ASP A 381 -4.97 19.30 6.89
CA ASP A 381 -3.87 19.65 5.98
C ASP A 381 -3.29 18.41 5.31
N ILE A 382 -3.37 17.25 5.97
CA ILE A 382 -2.84 16.03 5.39
C ILE A 382 -3.72 15.55 4.24
N ILE A 383 -5.03 15.61 4.41
CA ILE A 383 -5.95 15.13 3.39
C ILE A 383 -6.02 16.11 2.23
N GLN A 384 -6.04 17.41 2.53
CA GLN A 384 -6.07 18.42 1.48
C GLN A 384 -4.84 18.33 0.60
N ARG A 385 -3.67 18.20 1.20
CA ARG A 385 -2.45 18.00 0.41
C ARG A 385 -2.45 16.68 -0.33
N MET A 386 -3.24 15.71 0.13
CA MET A 386 -3.36 14.45 -0.60
C MET A 386 -4.25 14.59 -1.82
N HIS A 387 -5.34 15.35 -1.70
CA HIS A 387 -6.21 15.59 -2.84
C HIS A 387 -5.52 16.44 -3.89
N LEU A 388 -4.81 17.49 -3.46
CA LEU A 388 -4.07 18.31 -4.40
C LEU A 388 -2.99 17.49 -5.11
N ARG A 389 -2.39 16.53 -4.41
CA ARG A 389 -1.36 15.72 -5.03
C ARG A 389 -1.95 14.75 -6.05
N GLN A 390 -3.16 14.26 -5.80
CA GLN A 390 -3.83 13.39 -6.77
C GLN A 390 -4.12 14.15 -8.05
N TYR A 391 -4.55 15.41 -7.94
CA TYR A 391 -4.77 16.24 -9.11
C TYR A 391 -3.46 16.72 -9.74
N GLU A 392 -2.32 16.34 -9.17
CA GLU A 392 -0.99 16.67 -9.64
C GLU A 392 -0.73 18.17 -9.60
N LEU A 393 -1.48 18.93 -8.80
CA LEU A 393 -1.31 20.37 -8.67
C LEU A 393 -0.90 20.69 -7.25
N LEU A 394 0.24 21.37 -7.10
CA LEU A 394 0.72 21.80 -5.79
C LEU A 394 1.60 23.04 -5.92
N GLU B 13 30.02 -18.65 34.48
CA GLU B 13 29.85 -19.90 33.78
C GLU B 13 29.71 -19.67 32.28
N LEU B 14 29.22 -18.47 31.92
CA LEU B 14 29.10 -18.09 30.53
C LEU B 14 30.45 -17.98 29.84
N ASP B 15 31.54 -17.93 30.61
CA ASP B 15 32.88 -17.88 30.02
C ASP B 15 33.09 -19.01 29.03
N GLN B 16 32.78 -20.24 29.46
CA GLN B 16 32.89 -21.40 28.59
C GLN B 16 31.59 -21.80 27.93
N LEU B 17 30.45 -21.59 28.61
CA LEU B 17 29.18 -22.10 28.10
C LEU B 17 28.79 -21.46 26.78
N ARG B 18 29.21 -20.21 26.54
CA ARG B 18 28.88 -19.54 25.30
C ARG B 18 29.84 -19.88 24.17
N GLN B 19 31.08 -20.29 24.50
CA GLN B 19 32.06 -20.58 23.45
C GLN B 19 32.06 -22.05 23.07
N GLU B 20 31.75 -22.96 24.00
CA GLU B 20 31.67 -24.37 23.65
C GLU B 20 30.44 -24.64 22.78
N ALA B 21 29.38 -23.85 22.94
CA ALA B 21 28.25 -23.94 22.04
C ALA B 21 28.61 -23.52 20.62
N GLU B 22 29.64 -22.70 20.46
CA GLU B 22 30.16 -22.39 19.13
C GLU B 22 30.85 -23.60 18.52
N GLN B 23 31.52 -24.41 19.35
CA GLN B 23 32.05 -25.68 18.87
C GLN B 23 30.95 -26.72 18.72
N LEU B 24 29.92 -26.66 19.58
CA LEU B 24 28.79 -27.57 19.45
C LEU B 24 27.99 -27.25 18.19
N LYS B 25 27.75 -25.97 17.92
CA LYS B 25 27.08 -25.59 16.68
C LYS B 25 27.97 -25.83 15.47
N ASN B 26 29.29 -25.83 15.66
CA ASN B 26 30.21 -26.11 14.55
C ASN B 26 30.22 -27.58 14.17
N GLN B 27 30.14 -28.49 15.14
CA GLN B 27 30.08 -29.91 14.80
C GLN B 27 28.71 -30.31 14.27
N ILE B 28 27.70 -29.45 14.40
CA ILE B 28 26.47 -29.61 13.65
C ILE B 28 26.65 -29.17 12.19
N ARG B 29 27.45 -28.14 11.95
CA ARG B 29 27.60 -27.60 10.61
C ARG B 29 28.27 -28.60 9.67
N ASP B 30 29.39 -29.19 10.10
CA ASP B 30 30.07 -30.15 9.24
C ASP B 30 29.33 -31.48 9.13
N ALA B 31 28.44 -31.78 10.09
CA ALA B 31 27.56 -32.94 9.93
C ALA B 31 26.58 -32.73 8.79
N ARG B 32 26.11 -31.49 8.62
CA ARG B 32 25.29 -31.17 7.46
C ARG B 32 26.13 -31.06 6.20
N LYS B 33 27.40 -30.67 6.33
CA LYS B 33 28.32 -30.67 5.20
C LYS B 33 28.77 -32.08 4.84
N ALA B 34 28.64 -33.04 5.75
CA ALA B 34 28.94 -34.42 5.42
C ALA B 34 27.79 -35.09 4.66
N CYS B 35 26.57 -34.59 4.83
CA CYS B 35 25.42 -35.12 4.11
C CYS B 35 25.29 -34.54 2.71
N ALA B 36 25.77 -33.32 2.49
CA ALA B 36 25.66 -32.66 1.19
C ALA B 36 26.64 -33.31 0.22
N ASP B 37 26.13 -34.22 -0.61
CA ASP B 37 26.95 -34.88 -1.62
C ASP B 37 26.50 -34.59 -3.05
N ALA B 38 25.27 -34.14 -3.24
CA ALA B 38 24.76 -33.79 -4.57
C ALA B 38 23.59 -32.84 -4.40
N THR B 39 23.74 -31.62 -4.93
CA THR B 39 22.70 -30.56 -4.77
C THR B 39 21.39 -30.99 -5.42
N LEU B 40 20.27 -30.39 -4.99
CA LEU B 40 18.94 -30.73 -5.55
C LEU B 40 18.94 -30.38 -7.04
N SER B 41 19.55 -29.25 -7.41
CA SER B 41 19.54 -28.79 -8.82
C SER B 41 20.22 -29.83 -9.69
N GLN B 42 21.35 -30.38 -9.24
CA GLN B 42 22.09 -31.40 -10.03
C GLN B 42 21.23 -32.64 -10.20
N ILE B 43 20.55 -33.08 -9.15
CA ILE B 43 19.67 -34.29 -9.20
C ILE B 43 18.50 -34.04 -10.15
N THR B 44 17.91 -32.83 -10.12
CA THR B 44 16.71 -32.53 -10.93
C THR B 44 17.10 -31.97 -12.31
N ASN B 45 18.39 -31.87 -12.60
CA ASN B 45 18.84 -31.28 -13.89
C ASN B 45 18.29 -32.11 -15.05
N ASN B 46 18.30 -33.44 -14.91
CA ASN B 46 17.80 -34.35 -15.98
C ASN B 46 16.30 -34.15 -16.23
N ILE B 47 15.52 -33.86 -15.19
CA ILE B 47 14.03 -33.76 -15.36
C ILE B 47 13.69 -32.68 -16.38
N ASP B 48 12.75 -32.95 -17.29
CA ASP B 48 12.36 -31.99 -18.34
C ASP B 48 11.51 -30.87 -17.72
N PRO B 49 11.82 -29.56 -18.00
CA PRO B 49 11.21 -28.37 -17.36
C PRO B 49 9.74 -28.27 -17.72
N VAL B 50 9.04 -27.39 -16.98
CA VAL B 50 7.62 -27.18 -17.21
C VAL B 50 7.35 -26.03 -18.18
N GLY B 51 8.40 -25.40 -18.72
CA GLY B 51 8.19 -24.34 -19.68
C GLY B 51 7.62 -23.10 -19.02
N ARG B 52 6.57 -22.55 -19.63
CA ARG B 52 5.87 -21.39 -19.10
C ARG B 52 4.49 -21.81 -18.64
N ILE B 53 4.10 -21.38 -17.44
CA ILE B 53 2.82 -21.72 -16.84
C ILE B 53 2.07 -20.41 -16.67
N GLN B 54 1.14 -20.14 -17.57
CA GLN B 54 0.39 -18.88 -17.57
C GLN B 54 -1.01 -19.14 -17.01
N MET B 55 -1.25 -18.66 -15.81
CA MET B 55 -2.58 -18.66 -15.21
C MET B 55 -3.21 -17.29 -15.37
N ARG B 56 -4.54 -17.25 -15.37
CA ARG B 56 -5.26 -16.00 -15.55
C ARG B 56 -6.36 -15.90 -14.51
N THR B 57 -6.64 -14.66 -14.11
CA THR B 57 -7.59 -14.40 -13.04
C THR B 57 -8.99 -14.83 -13.46
N ARG B 58 -9.47 -15.93 -12.89
CA ARG B 58 -10.84 -16.36 -13.15
C ARG B 58 -11.83 -15.49 -12.39
N ARG B 59 -11.68 -15.42 -11.08
CA ARG B 59 -12.54 -14.63 -10.22
C ARG B 59 -11.74 -13.50 -9.59
N THR B 60 -12.41 -12.38 -9.34
CA THR B 60 -11.85 -11.26 -8.58
C THR B 60 -12.86 -10.91 -7.51
N LEU B 61 -12.58 -11.35 -6.28
CA LEU B 61 -13.49 -11.12 -5.12
C LEU B 61 -13.33 -9.66 -4.66
N ARG B 62 -14.44 -8.93 -4.50
CA ARG B 62 -14.39 -7.50 -4.12
C ARG B 62 -15.36 -7.25 -2.97
N GLY B 63 -15.23 -6.12 -2.27
CA GLY B 63 -16.08 -5.85 -1.10
C GLY B 63 -15.29 -5.68 0.19
N HIS B 64 -13.96 -5.72 0.11
CA HIS B 64 -13.14 -5.43 1.32
C HIS B 64 -12.69 -3.97 1.30
N LEU B 65 -13.08 -3.19 2.31
CA LEU B 65 -12.73 -1.75 2.38
C LEU B 65 -11.21 -1.58 2.51
N ALA B 66 -10.56 -2.41 3.32
CA ALA B 66 -9.11 -2.24 3.59
C ALA B 66 -8.28 -3.39 3.01
N LYS B 67 -6.95 -3.27 3.08
CA LYS B 67 -6.04 -4.29 2.48
C LYS B 67 -6.25 -5.66 3.13
N ILE B 68 -6.33 -6.72 2.32
CA ILE B 68 -6.46 -8.11 2.85
C ILE B 68 -5.10 -8.50 3.45
N TYR B 69 -5.10 -9.32 4.50
CA TYR B 69 -3.84 -9.74 5.18
C TYR B 69 -3.62 -11.25 5.05
N ALA B 70 -4.69 -12.04 5.17
CA ALA B 70 -4.61 -13.49 5.12
C ALA B 70 -5.89 -14.05 4.55
N MET B 71 -5.74 -15.15 3.82
CA MET B 71 -6.87 -15.96 3.40
C MET B 71 -6.51 -17.42 3.66
N HIS B 72 -7.54 -18.26 3.77
CA HIS B 72 -7.34 -19.68 3.94
C HIS B 72 -8.46 -20.42 3.24
N TRP B 73 -8.09 -21.31 2.33
CA TRP B 73 -9.07 -22.14 1.64
C TRP B 73 -9.72 -23.10 2.61
N GLY B 74 -10.98 -23.44 2.33
CA GLY B 74 -11.62 -24.54 3.01
C GLY B 74 -11.17 -25.87 2.45
N THR B 75 -11.42 -26.93 3.22
CA THR B 75 -11.00 -28.26 2.78
C THR B 75 -11.82 -28.74 1.60
N ASP B 76 -13.00 -28.17 1.39
CA ASP B 76 -13.84 -28.51 0.24
C ASP B 76 -13.40 -27.83 -1.04
N SER B 77 -12.37 -26.98 -0.98
CA SER B 77 -11.78 -26.31 -2.14
C SER B 77 -12.74 -25.33 -2.81
N ARG B 78 -13.85 -25.00 -2.15
CA ARG B 78 -14.83 -24.06 -2.69
C ARG B 78 -14.92 -22.78 -1.90
N LEU B 79 -15.12 -22.87 -0.58
CA LEU B 79 -15.19 -21.68 0.25
C LEU B 79 -13.79 -21.22 0.64
N LEU B 80 -13.69 -19.94 0.98
CA LEU B 80 -12.44 -19.39 1.48
C LEU B 80 -12.76 -18.17 2.34
N VAL B 81 -12.01 -18.03 3.44
CA VAL B 81 -12.18 -16.91 4.40
C VAL B 81 -11.04 -15.92 4.17
N SER B 82 -11.36 -14.64 4.00
CA SER B 82 -10.31 -13.60 3.82
C SER B 82 -10.41 -12.57 4.96
N ALA B 83 -9.28 -12.21 5.57
CA ALA B 83 -9.27 -11.24 6.68
C ALA B 83 -8.71 -9.91 6.18
N SER B 84 -9.37 -8.80 6.52
CA SER B 84 -8.93 -7.47 6.02
C SER B 84 -8.72 -6.49 7.18
N GLN B 85 -7.95 -5.42 6.94
CA GLN B 85 -7.67 -4.40 7.99
C GLN B 85 -8.94 -3.59 8.27
N ASP B 86 -9.96 -3.72 7.44
CA ASP B 86 -11.25 -3.00 7.63
C ASP B 86 -11.94 -3.53 8.88
N GLY B 87 -11.49 -4.68 9.40
CA GLY B 87 -12.14 -5.28 10.59
C GLY B 87 -13.23 -6.25 10.20
N LYS B 88 -13.31 -6.63 8.92
CA LYS B 88 -14.36 -7.56 8.44
C LYS B 88 -13.75 -8.88 8.01
N LEU B 89 -14.30 -10.00 8.47
CA LEU B 89 -13.83 -11.33 8.00
C LEU B 89 -14.93 -11.86 7.07
N ILE B 90 -14.59 -12.16 5.81
CA ILE B 90 -15.64 -12.55 4.82
C ILE B 90 -15.38 -13.97 4.29
N ILE B 91 -16.42 -14.80 4.25
CA ILE B 91 -16.27 -16.15 3.64
C ILE B 91 -16.86 -16.07 2.23
N TRP B 92 -16.10 -16.47 1.21
CA TRP B 92 -16.58 -16.32 -0.19
C TRP B 92 -16.76 -17.68 -0.85
N ASP B 93 -17.67 -17.75 -1.83
CA ASP B 93 -17.83 -19.01 -2.60
C ASP B 93 -17.08 -18.83 -3.92
N SER B 94 -15.79 -19.20 -3.96
CA SER B 94 -14.96 -18.99 -5.14
C SER B 94 -15.63 -19.41 -6.43
N TYR B 95 -16.62 -20.31 -6.35
CA TYR B 95 -17.32 -20.74 -7.57
C TYR B 95 -18.27 -19.65 -8.06
N THR B 96 -19.22 -19.25 -7.23
CA THR B 96 -20.25 -18.30 -7.64
C THR B 96 -19.96 -16.87 -7.21
N THR B 97 -18.79 -16.61 -6.64
CA THR B 97 -18.31 -15.26 -6.30
C THR B 97 -19.14 -14.66 -5.17
N ASN B 98 -20.19 -15.36 -4.74
CA ASN B 98 -21.06 -14.84 -3.70
C ASN B 98 -20.36 -14.85 -2.35
N LYS B 99 -20.82 -13.96 -1.47
CA LYS B 99 -20.33 -13.88 -0.10
C LYS B 99 -21.27 -14.65 0.82
N VAL B 100 -20.72 -15.61 1.56
CA VAL B 100 -21.54 -16.40 2.46
C VAL B 100 -21.75 -15.69 3.79
N HIS B 101 -20.66 -15.24 4.41
CA HIS B 101 -20.72 -14.51 5.67
C HIS B 101 -19.87 -13.24 5.57
N ALA B 102 -20.17 -12.29 6.45
CA ALA B 102 -19.48 -11.02 6.52
C ALA B 102 -19.17 -10.67 7.97
N ILE B 103 -18.56 -11.62 8.67
CA ILE B 103 -18.26 -11.52 10.10
C ILE B 103 -17.53 -10.23 10.44
N PRO B 104 -18.12 -9.35 11.26
CA PRO B 104 -17.39 -8.16 11.73
C PRO B 104 -16.62 -8.47 13.00
N LEU B 105 -15.41 -7.91 13.07
CA LEU B 105 -14.48 -8.18 14.17
C LEU B 105 -14.44 -7.02 15.14
N ARG B 106 -13.98 -7.33 16.36
CA ARG B 106 -13.81 -6.28 17.37
C ARG B 106 -12.59 -5.42 17.05
N SER B 107 -11.43 -6.05 16.93
CA SER B 107 -10.20 -5.35 16.58
C SER B 107 -10.05 -5.36 15.06
N SER B 108 -9.79 -4.18 14.50
CA SER B 108 -9.66 -4.02 13.06
C SER B 108 -8.36 -4.56 12.51
N TRP B 109 -7.32 -4.71 13.34
CA TRP B 109 -6.00 -5.12 12.86
C TRP B 109 -5.84 -6.62 13.06
N VAL B 110 -6.38 -7.38 12.10
CA VAL B 110 -6.25 -8.83 12.08
C VAL B 110 -5.23 -9.19 11.00
N MET B 111 -4.14 -9.81 11.43
CA MET B 111 -3.04 -10.18 10.55
C MET B 111 -3.09 -11.63 10.13
N THR B 112 -4.13 -12.37 10.52
CA THR B 112 -4.22 -13.78 10.18
C THR B 112 -5.67 -14.21 10.22
N CYS B 113 -5.94 -15.32 9.55
CA CYS B 113 -7.25 -15.97 9.55
C CYS B 113 -7.06 -17.42 9.17
N ALA B 114 -7.91 -18.28 9.72
CA ALA B 114 -7.84 -19.70 9.47
C ALA B 114 -9.22 -20.25 9.19
N TYR B 115 -9.25 -21.37 8.48
CA TYR B 115 -10.48 -22.09 8.17
C TYR B 115 -10.35 -23.50 8.71
N ALA B 116 -11.29 -23.89 9.57
CA ALA B 116 -11.22 -25.22 10.16
C ALA B 116 -11.36 -26.29 9.09
N PRO B 117 -10.68 -27.43 9.25
CA PRO B 117 -10.78 -28.51 8.27
C PRO B 117 -12.16 -29.14 8.20
N SER B 118 -13.07 -28.78 9.11
CA SER B 118 -14.44 -29.23 9.06
C SER B 118 -15.40 -28.16 8.57
N GLY B 119 -14.89 -26.97 8.27
CA GLY B 119 -15.74 -25.89 7.79
C GLY B 119 -16.67 -25.30 8.82
N ASN B 120 -16.55 -25.70 10.08
CA ASN B 120 -17.48 -25.23 11.11
C ASN B 120 -17.02 -23.94 11.76
N TYR B 121 -15.71 -23.73 11.89
CA TYR B 121 -15.17 -22.57 12.58
C TYR B 121 -14.17 -21.85 11.68
N VAL B 122 -14.00 -20.56 11.98
CA VAL B 122 -12.91 -19.76 11.42
C VAL B 122 -12.28 -18.98 12.56
N ALA B 123 -10.96 -18.81 12.50
CA ALA B 123 -10.22 -18.07 13.50
C ALA B 123 -9.63 -16.81 12.87
N CYS B 124 -9.27 -15.86 13.74
CA CYS B 124 -8.62 -14.64 13.30
C CYS B 124 -7.99 -13.95 14.50
N GLY B 125 -6.78 -13.46 14.34
CA GLY B 125 -6.11 -12.71 15.37
C GLY B 125 -5.21 -11.66 14.77
N GLY B 126 -4.73 -10.77 15.62
CA GLY B 126 -3.85 -9.71 15.15
C GLY B 126 -3.25 -8.88 16.26
N LEU B 127 -3.23 -7.56 16.08
CA LEU B 127 -2.60 -6.68 17.05
C LEU B 127 -3.31 -6.64 18.39
N ASP B 128 -4.43 -7.35 18.54
CA ASP B 128 -5.12 -7.42 19.82
C ASP B 128 -4.63 -8.56 20.70
N ASN B 129 -3.73 -9.41 20.19
CA ASN B 129 -3.14 -10.57 20.86
C ASN B 129 -4.16 -11.68 21.10
N ILE B 130 -5.41 -11.50 20.71
CA ILE B 130 -6.48 -12.47 20.96
C ILE B 130 -6.71 -13.27 19.69
N CYS B 131 -7.01 -14.56 19.85
CA CYS B 131 -7.40 -15.43 18.74
C CYS B 131 -8.87 -15.76 18.92
N SER B 132 -9.72 -15.08 18.16
CA SER B 132 -11.17 -15.28 18.23
C SER B 132 -11.56 -16.43 17.32
N ILE B 133 -12.35 -17.36 17.87
CA ILE B 133 -12.87 -18.50 17.12
C ILE B 133 -14.34 -18.22 16.83
N TYR B 134 -14.71 -18.19 15.55
CA TYR B 134 -16.06 -17.87 15.13
C TYR B 134 -16.78 -19.13 14.69
N ASN B 135 -17.93 -19.39 15.31
CA ASN B 135 -18.72 -20.57 15.00
C ASN B 135 -19.67 -20.24 13.85
N LEU B 136 -19.50 -20.94 12.73
CA LEU B 136 -20.35 -20.69 11.57
C LEU B 136 -21.69 -21.41 11.70
N LYS B 137 -21.64 -22.73 11.91
CA LYS B 137 -22.85 -23.54 12.00
C LYS B 137 -23.40 -23.44 13.43
N THR B 138 -24.12 -22.35 13.67
CA THR B 138 -24.75 -22.10 14.96
C THR B 138 -26.23 -22.49 14.92
N ARG B 139 -26.83 -22.57 16.11
CA ARG B 139 -28.22 -22.96 16.21
C ARG B 139 -29.16 -21.85 15.75
N GLU B 140 -28.76 -20.58 15.93
CA GLU B 140 -29.55 -19.45 15.47
C GLU B 140 -29.30 -19.10 14.01
N GLY B 141 -28.40 -19.80 13.33
CA GLY B 141 -28.10 -19.54 11.95
C GLY B 141 -27.11 -18.42 11.69
N ASN B 142 -26.85 -17.56 12.66
CA ASN B 142 -25.92 -16.45 12.49
C ASN B 142 -24.50 -16.94 12.77
N VAL B 143 -23.56 -16.00 12.88
CA VAL B 143 -22.16 -16.31 13.15
C VAL B 143 -21.68 -15.37 14.26
N ARG B 144 -21.07 -15.94 15.29
CA ARG B 144 -20.59 -15.18 16.42
C ARG B 144 -19.35 -15.85 16.99
N VAL B 145 -18.60 -15.08 17.79
CA VAL B 145 -17.37 -15.58 18.37
C VAL B 145 -17.70 -16.58 19.48
N SER B 146 -17.06 -17.75 19.42
CA SER B 146 -17.28 -18.76 20.45
C SER B 146 -16.26 -18.62 21.58
N ARG B 147 -14.97 -18.58 21.25
CA ARG B 147 -13.92 -18.44 22.25
C ARG B 147 -12.98 -17.30 21.85
N GLU B 148 -12.36 -16.70 22.85
CA GLU B 148 -11.34 -15.68 22.67
C GLU B 148 -10.09 -16.16 23.39
N LEU B 149 -9.20 -16.81 22.66
CA LEU B 149 -7.99 -17.39 23.24
C LEU B 149 -7.02 -16.27 23.59
N ALA B 150 -7.01 -15.85 24.84
CA ALA B 150 -6.24 -14.72 25.32
C ALA B 150 -5.11 -15.23 26.23
N GLY B 151 -3.97 -15.52 25.64
CA GLY B 151 -2.81 -15.91 26.42
C GLY B 151 -1.48 -15.44 25.86
N HIS B 152 -1.52 -14.63 24.81
CA HIS B 152 -0.33 -14.16 24.13
C HIS B 152 -0.02 -12.72 24.53
N THR B 153 1.27 -12.40 24.57
CA THR B 153 1.72 -11.07 24.93
C THR B 153 2.20 -10.25 23.73
N GLY B 154 2.04 -10.79 22.52
CA GLY B 154 2.35 -10.05 21.31
C GLY B 154 1.26 -10.28 20.28
N TYR B 155 1.41 -9.60 19.14
CA TYR B 155 0.45 -9.74 18.06
C TYR B 155 0.44 -11.18 17.55
N LEU B 156 -0.67 -11.56 16.93
CA LEU B 156 -0.84 -12.90 16.38
C LEU B 156 -0.55 -12.87 14.88
N SER B 157 0.49 -13.59 14.47
CA SER B 157 0.91 -13.57 13.07
C SER B 157 0.38 -14.73 12.25
N CYS B 158 0.01 -15.85 12.89
CA CYS B 158 -0.52 -16.98 12.16
C CYS B 158 -1.46 -17.76 13.06
N CYS B 159 -2.34 -18.55 12.43
CA CYS B 159 -3.31 -19.37 13.13
C CYS B 159 -3.60 -20.57 12.24
N ARG B 160 -3.56 -21.77 12.82
CA ARG B 160 -3.83 -22.98 12.07
C ARG B 160 -4.64 -23.93 12.92
N PHE B 161 -5.68 -24.51 12.33
CA PHE B 161 -6.55 -25.47 13.00
C PHE B 161 -6.00 -26.88 12.81
N LEU B 162 -5.87 -27.61 13.91
CA LEU B 162 -5.60 -29.04 13.82
C LEU B 162 -6.91 -29.83 13.80
N ASP B 163 -7.77 -29.59 14.80
CA ASP B 163 -9.10 -30.16 14.86
C ASP B 163 -10.09 -29.03 15.10
N ASP B 164 -11.34 -29.35 15.43
CA ASP B 164 -12.25 -28.32 15.88
C ASP B 164 -12.00 -27.91 17.32
N ASN B 165 -10.95 -28.42 17.96
CA ASN B 165 -10.66 -28.12 19.35
C ASN B 165 -9.22 -27.67 19.54
N GLN B 166 -8.32 -28.16 18.69
CA GLN B 166 -6.89 -27.86 18.81
C GLN B 166 -6.48 -26.89 17.70
N ILE B 167 -6.05 -25.69 18.11
CA ILE B 167 -5.56 -24.67 17.19
C ILE B 167 -4.21 -24.19 17.65
N VAL B 168 -3.21 -24.26 16.79
CA VAL B 168 -1.87 -23.77 17.08
C VAL B 168 -1.74 -22.36 16.54
N THR B 169 -1.23 -21.45 17.37
CA THR B 169 -1.16 -20.03 17.03
C THR B 169 0.28 -19.56 17.12
N SER B 170 0.70 -18.80 16.12
CA SER B 170 2.00 -18.13 16.10
C SER B 170 1.82 -16.69 16.52
N SER B 171 2.66 -16.21 17.43
CA SER B 171 2.52 -14.87 17.96
C SER B 171 3.80 -14.08 17.77
N GLY B 172 3.69 -12.77 18.02
CA GLY B 172 4.80 -11.85 17.95
C GLY B 172 5.63 -11.73 19.20
N ASP B 173 5.39 -12.57 20.21
CA ASP B 173 6.23 -12.62 21.40
C ASP B 173 7.21 -13.80 21.35
N THR B 174 7.59 -14.22 20.15
CA THR B 174 8.58 -15.25 19.87
C THR B 174 8.13 -16.65 20.28
N THR B 175 6.85 -16.85 20.58
CA THR B 175 6.35 -18.14 21.06
C THR B 175 5.15 -18.57 20.25
N CYS B 176 5.14 -19.84 19.84
CA CYS B 176 3.94 -20.50 19.35
C CYS B 176 3.23 -21.17 20.52
N ALA B 177 1.95 -21.48 20.32
CA ALA B 177 1.15 -22.05 21.40
C ALA B 177 0.10 -22.97 20.82
N LEU B 178 -0.03 -24.16 21.39
CA LEU B 178 -1.12 -25.07 21.10
C LEU B 178 -2.25 -24.84 22.11
N TRP B 179 -3.47 -24.72 21.60
CA TRP B 179 -4.61 -24.34 22.43
C TRP B 179 -5.64 -25.46 22.49
N ASP B 180 -6.59 -25.30 23.40
CA ASP B 180 -7.74 -26.18 23.54
C ASP B 180 -8.97 -25.30 23.61
N ILE B 181 -9.75 -25.27 22.53
CA ILE B 181 -10.81 -24.28 22.41
C ILE B 181 -11.93 -24.52 23.42
N GLU B 182 -12.20 -25.78 23.76
CA GLU B 182 -13.27 -26.05 24.73
C GLU B 182 -12.95 -25.47 26.09
N THR B 183 -11.67 -25.34 26.43
CA THR B 183 -11.24 -24.72 27.68
C THR B 183 -10.80 -23.28 27.49
N GLY B 184 -9.91 -23.03 26.53
CA GLY B 184 -9.41 -21.70 26.26
C GLY B 184 -8.02 -21.40 26.76
N GLN B 185 -7.31 -22.40 27.28
CA GLN B 185 -5.98 -22.21 27.84
C GLN B 185 -4.96 -23.05 27.07
N GLN B 186 -3.73 -22.55 27.03
CA GLN B 186 -2.68 -23.16 26.21
C GLN B 186 -2.37 -24.56 26.70
N THR B 187 -2.62 -25.55 25.85
CA THR B 187 -2.16 -26.91 26.14
C THR B 187 -0.64 -26.98 26.14
N THR B 188 0.01 -26.36 25.17
CA THR B 188 1.46 -26.37 25.06
C THR B 188 1.91 -24.99 24.64
N THR B 189 3.14 -24.64 25.02
CA THR B 189 3.78 -23.40 24.62
C THR B 189 5.15 -23.73 24.03
N PHE B 190 5.35 -23.36 22.77
CA PHE B 190 6.58 -23.67 22.05
C PHE B 190 7.49 -22.44 22.14
N THR B 191 8.67 -22.62 22.75
CA THR B 191 9.63 -21.56 22.92
C THR B 191 10.96 -21.96 22.26
N GLY B 192 11.75 -20.95 21.92
CA GLY B 192 13.03 -21.20 21.30
C GLY B 192 13.42 -20.17 20.25
N HIS B 193 12.44 -19.44 19.73
CA HIS B 193 12.73 -18.40 18.75
C HIS B 193 13.20 -17.13 19.45
N THR B 194 14.08 -16.39 18.78
CA THR B 194 14.63 -15.15 19.30
C THR B 194 14.03 -13.91 18.64
N GLY B 195 13.16 -14.08 17.65
CA GLY B 195 12.43 -12.97 17.07
C GLY B 195 10.97 -13.32 16.95
N ASP B 196 10.16 -12.30 16.72
CA ASP B 196 8.71 -12.50 16.67
C ASP B 196 8.34 -13.44 15.54
N VAL B 197 7.60 -14.49 15.87
CA VAL B 197 7.34 -15.56 14.90
C VAL B 197 6.30 -15.07 13.91
N MET B 198 6.60 -15.21 12.62
CA MET B 198 5.79 -14.61 11.57
C MET B 198 4.82 -15.58 10.89
N SER B 199 5.16 -16.86 10.80
CA SER B 199 4.26 -17.79 10.14
C SER B 199 4.57 -19.21 10.60
N LEU B 200 3.54 -20.05 10.62
CA LEU B 200 3.69 -21.47 10.84
C LEU B 200 2.91 -22.22 9.77
N SER B 201 3.16 -23.52 9.68
CA SER B 201 2.44 -24.37 8.74
C SER B 201 2.37 -25.78 9.31
N LEU B 202 1.15 -26.30 9.43
CA LEU B 202 0.97 -27.66 9.95
C LEU B 202 1.41 -28.69 8.91
N ALA B 203 1.91 -29.80 9.41
CA ALA B 203 2.32 -30.89 8.53
C ALA B 203 1.10 -31.60 7.97
N PRO B 204 1.26 -32.33 6.86
CA PRO B 204 0.12 -33.09 6.33
C PRO B 204 -0.48 -34.07 7.32
N ASP B 205 0.32 -34.64 8.22
CA ASP B 205 -0.21 -35.51 9.26
C ASP B 205 -0.56 -34.75 10.54
N THR B 206 -0.23 -33.47 10.62
CA THR B 206 -0.53 -32.63 11.78
C THR B 206 0.06 -33.19 13.07
N ARG B 207 1.21 -33.85 12.95
CA ARG B 207 2.00 -34.25 14.11
C ARG B 207 3.15 -33.29 14.39
N LEU B 208 3.67 -32.63 13.35
CA LEU B 208 4.70 -31.63 13.49
C LEU B 208 4.23 -30.35 12.78
N PHE B 209 5.00 -29.28 12.97
CA PHE B 209 4.75 -28.04 12.23
C PHE B 209 5.99 -27.18 12.29
N VAL B 210 6.42 -26.68 11.14
CA VAL B 210 7.55 -25.77 11.07
C VAL B 210 7.06 -24.36 11.36
N SER B 211 8.00 -23.47 11.64
CA SER B 211 7.66 -22.11 12.05
C SER B 211 8.83 -21.20 11.76
N GLY B 212 8.56 -20.11 11.04
CA GLY B 212 9.58 -19.13 10.70
C GLY B 212 9.39 -17.87 11.52
N ALA B 213 10.51 -17.27 11.94
CA ALA B 213 10.48 -16.08 12.77
C ALA B 213 11.41 -15.03 12.19
N CYS B 214 11.48 -13.89 12.87
CA CYS B 214 12.29 -12.76 12.45
C CYS B 214 13.76 -12.90 12.85
N ASP B 215 14.21 -14.11 13.18
CA ASP B 215 15.63 -14.36 13.42
C ASP B 215 16.27 -15.19 12.31
N ALA B 216 15.65 -15.22 11.14
CA ALA B 216 16.15 -15.96 9.98
C ALA B 216 16.29 -17.45 10.28
N SER B 217 15.44 -17.97 11.15
CA SER B 217 15.50 -19.37 11.56
C SER B 217 14.12 -19.99 11.47
N ALA B 218 14.07 -21.23 10.99
CA ALA B 218 12.84 -22.02 10.93
C ALA B 218 13.01 -23.23 11.84
N LYS B 219 12.04 -23.43 12.72
CA LYS B 219 12.12 -24.48 13.73
C LYS B 219 11.03 -25.51 13.50
N LEU B 220 11.44 -26.78 13.42
CA LEU B 220 10.50 -27.89 13.30
C LEU B 220 10.12 -28.36 14.70
N TRP B 221 8.83 -28.26 15.03
CA TRP B 221 8.35 -28.57 16.36
C TRP B 221 7.71 -29.96 16.40
N ASP B 222 7.19 -30.31 17.57
CA ASP B 222 6.46 -31.55 17.79
C ASP B 222 5.26 -31.21 18.65
N VAL B 223 4.06 -31.27 18.06
CA VAL B 223 2.87 -30.77 18.74
C VAL B 223 2.60 -31.52 20.02
N ARG B 224 2.90 -32.83 20.05
CA ARG B 224 2.58 -33.64 21.22
C ARG B 224 3.55 -33.39 22.37
N GLU B 225 4.85 -33.48 22.09
CA GLU B 225 5.84 -33.33 23.14
C GLU B 225 6.17 -31.88 23.45
N GLY B 226 5.87 -30.96 22.52
CA GLY B 226 6.10 -29.55 22.77
C GLY B 226 7.54 -29.11 22.69
N MET B 227 8.40 -29.88 22.02
CA MET B 227 9.81 -29.54 21.91
C MET B 227 10.12 -29.05 20.50
N CYS B 228 11.39 -28.77 20.25
CA CYS B 228 11.88 -28.33 18.95
C CYS B 228 12.79 -29.41 18.39
N ARG B 229 12.31 -30.12 17.37
CA ARG B 229 13.09 -31.21 16.80
C ARG B 229 14.35 -30.70 16.11
N GLN B 230 14.18 -29.85 15.10
CA GLN B 230 15.29 -29.35 14.31
C GLN B 230 15.17 -27.83 14.16
N THR B 231 16.29 -27.21 13.78
CA THR B 231 16.33 -25.78 13.50
C THR B 231 17.08 -25.57 12.19
N PHE B 232 16.46 -24.86 11.26
CA PHE B 232 17.03 -24.61 9.95
C PHE B 232 17.37 -23.13 9.85
N THR B 233 18.64 -22.85 9.57
CA THR B 233 19.15 -21.48 9.44
C THR B 233 19.87 -21.36 8.09
N GLY B 234 19.13 -20.96 7.07
CA GLY B 234 19.70 -20.74 5.76
C GLY B 234 19.45 -19.34 5.24
N HIS B 235 18.38 -18.71 5.73
CA HIS B 235 18.02 -17.39 5.28
C HIS B 235 18.94 -16.34 5.89
N GLU B 236 18.75 -15.09 5.46
CA GLU B 236 19.56 -13.97 5.92
C GLU B 236 18.74 -12.86 6.57
N SER B 237 17.42 -12.91 6.51
CA SER B 237 16.58 -11.87 7.09
C SER B 237 15.30 -12.54 7.61
N ASP B 238 14.32 -11.69 7.96
CA ASP B 238 13.10 -12.15 8.60
C ASP B 238 12.34 -13.09 7.67
N ILE B 239 12.07 -14.31 8.14
CA ILE B 239 11.26 -15.24 7.37
C ILE B 239 9.80 -14.84 7.50
N ASN B 240 9.19 -14.46 6.37
CA ASN B 240 7.83 -13.94 6.36
C ASN B 240 6.77 -15.00 6.14
N ALA B 241 7.11 -16.09 5.45
CA ALA B 241 6.13 -17.10 5.09
C ALA B 241 6.78 -18.47 5.11
N ILE B 242 5.98 -19.49 5.38
CA ILE B 242 6.44 -20.87 5.42
C ILE B 242 5.32 -21.76 4.94
N CYS B 243 5.69 -22.92 4.39
CA CYS B 243 4.71 -23.85 3.86
C CYS B 243 5.34 -25.22 3.76
N PHE B 244 4.59 -26.25 4.16
CA PHE B 244 5.06 -27.62 4.04
C PHE B 244 4.92 -28.15 2.62
N PHE B 245 5.92 -28.92 2.20
CA PHE B 245 5.79 -29.73 1.01
C PHE B 245 4.64 -30.71 1.20
N PRO B 246 3.87 -31.00 0.15
CA PRO B 246 2.76 -31.96 0.31
C PRO B 246 3.21 -33.34 0.76
N ASN B 247 4.47 -33.71 0.51
CA ASN B 247 4.98 -34.97 1.01
C ASN B 247 5.12 -34.96 2.53
N GLY B 248 5.36 -33.80 3.11
CA GLY B 248 5.59 -33.68 4.53
C GLY B 248 7.02 -33.82 4.97
N ASN B 249 7.95 -34.05 4.04
CA ASN B 249 9.36 -34.23 4.36
C ASN B 249 10.20 -33.09 3.79
N ALA B 250 9.63 -31.90 3.71
CA ALA B 250 10.31 -30.71 3.24
C ALA B 250 9.38 -29.53 3.46
N PHE B 251 9.95 -28.33 3.39
CA PHE B 251 9.15 -27.11 3.49
C PHE B 251 9.92 -25.97 2.85
N ALA B 252 9.18 -24.95 2.43
CA ALA B 252 9.74 -23.78 1.78
C ALA B 252 9.47 -22.55 2.61
N THR B 253 10.41 -21.61 2.56
CA THR B 253 10.34 -20.39 3.34
C THR B 253 10.46 -19.20 2.40
N GLY B 254 9.99 -18.05 2.87
CA GLY B 254 10.17 -16.81 2.14
C GLY B 254 10.53 -15.67 3.08
N SER B 255 11.66 -15.03 2.84
CA SER B 255 12.17 -14.02 3.76
C SER B 255 12.26 -12.67 3.08
N ASP B 256 12.58 -11.65 3.87
CA ASP B 256 12.86 -10.32 3.34
C ASP B 256 14.17 -10.26 2.57
N ASP B 257 14.94 -11.35 2.57
CA ASP B 257 16.15 -11.49 1.79
C ASP B 257 15.88 -11.57 0.29
N ALA B 258 14.61 -11.49 -0.12
CA ALA B 258 14.21 -11.63 -1.52
C ALA B 258 14.59 -12.98 -2.09
N THR B 259 14.51 -14.02 -1.27
CA THR B 259 14.84 -15.36 -1.71
C THR B 259 13.92 -16.36 -1.03
N CYS B 260 13.64 -17.45 -1.72
CA CYS B 260 12.91 -18.59 -1.18
C CYS B 260 13.84 -19.79 -1.11
N ARG B 261 13.70 -20.60 -0.07
CA ARG B 261 14.58 -21.74 0.14
C ARG B 261 13.75 -22.97 0.49
N LEU B 262 14.20 -24.12 -0.01
CA LEU B 262 13.54 -25.40 0.24
C LEU B 262 14.40 -26.21 1.20
N PHE B 263 13.96 -26.28 2.45
CA PHE B 263 14.66 -27.08 3.44
C PHE B 263 14.14 -28.51 3.43
N ASP B 264 14.85 -29.39 4.11
CA ASP B 264 14.50 -30.81 4.16
C ASP B 264 14.57 -31.29 5.59
N LEU B 265 13.48 -31.90 6.07
CA LEU B 265 13.44 -32.36 7.45
C LEU B 265 14.35 -33.56 7.67
N ARG B 266 14.50 -34.42 6.66
CA ARG B 266 15.30 -35.63 6.83
C ARG B 266 16.78 -35.40 6.58
N ALA B 267 17.14 -34.34 5.85
CA ALA B 267 18.54 -33.98 5.64
C ALA B 267 18.99 -32.84 6.53
N ASP B 268 18.06 -32.17 7.22
CA ASP B 268 18.36 -31.15 8.23
C ASP B 268 19.01 -29.91 7.65
N GLN B 269 19.15 -29.83 6.33
CA GLN B 269 19.82 -28.70 5.70
C GLN B 269 19.01 -28.20 4.52
N GLU B 270 19.38 -27.01 4.05
CA GLU B 270 18.73 -26.40 2.89
C GLU B 270 19.12 -27.15 1.61
N LEU B 271 18.13 -27.37 0.75
CA LEU B 271 18.33 -28.10 -0.50
C LEU B 271 18.46 -27.20 -1.71
N MET B 272 17.71 -26.10 -1.76
CA MET B 272 17.65 -25.29 -2.96
C MET B 272 17.16 -23.89 -2.60
N THR B 273 17.68 -22.89 -3.30
CA THR B 273 17.25 -21.51 -3.14
C THR B 273 16.59 -21.02 -4.42
N TYR B 274 15.59 -20.16 -4.27
CA TYR B 274 14.80 -19.64 -5.39
C TYR B 274 14.94 -18.12 -5.38
N SER B 275 15.98 -17.62 -6.05
CA SER B 275 16.27 -16.20 -6.05
C SER B 275 16.61 -15.75 -7.47
N HIS B 276 16.47 -14.45 -7.69
CA HIS B 276 16.83 -13.83 -8.95
C HIS B 276 17.32 -12.42 -8.67
N ASP B 277 18.15 -11.92 -9.58
CA ASP B 277 18.72 -10.59 -9.39
C ASP B 277 17.71 -9.47 -9.66
N ASN B 278 16.71 -9.75 -10.50
CA ASN B 278 15.68 -8.76 -10.78
C ASN B 278 14.74 -8.53 -9.60
N ILE B 279 14.56 -9.53 -8.74
CA ILE B 279 13.70 -9.41 -7.57
C ILE B 279 14.56 -9.05 -6.37
N ILE B 280 14.24 -7.90 -5.76
CA ILE B 280 14.86 -7.50 -4.47
C ILE B 280 13.76 -7.38 -3.40
N CYS B 281 12.50 -7.44 -3.81
CA CYS B 281 11.36 -7.40 -2.85
C CYS B 281 11.30 -8.71 -2.06
N GLY B 282 11.04 -8.63 -0.75
CA GLY B 282 10.94 -9.84 0.10
C GLY B 282 9.69 -10.65 -0.19
N ILE B 283 9.78 -11.98 -0.15
CA ILE B 283 8.59 -12.85 -0.35
C ILE B 283 7.66 -12.66 0.86
N THR B 284 6.36 -12.42 0.60
CA THR B 284 5.40 -12.16 1.72
C THR B 284 4.43 -13.34 1.87
N SER B 285 4.52 -14.36 1.01
CA SER B 285 3.56 -15.49 1.05
C SER B 285 4.08 -16.62 0.17
N VAL B 286 4.06 -17.85 0.67
CA VAL B 286 4.61 -19.00 -0.03
C VAL B 286 3.61 -20.14 0.05
N SER B 287 3.43 -20.84 -1.07
CA SER B 287 2.56 -22.01 -1.09
C SER B 287 3.04 -22.96 -2.18
N PHE B 288 2.64 -24.22 -2.05
CA PHE B 288 2.99 -25.27 -2.98
C PHE B 288 1.77 -25.70 -3.77
N SER B 289 2.00 -26.23 -4.97
CA SER B 289 0.92 -26.87 -5.70
C SER B 289 0.67 -28.26 -5.13
N LYS B 290 -0.44 -28.88 -5.57
CA LYS B 290 -0.83 -30.18 -5.04
C LYS B 290 0.23 -31.23 -5.30
N SER B 291 0.85 -31.20 -6.48
CA SER B 291 1.92 -32.13 -6.80
C SER B 291 3.25 -31.75 -6.15
N GLY B 292 3.34 -30.55 -5.57
CA GLY B 292 4.60 -30.09 -5.02
C GLY B 292 5.64 -29.72 -6.05
N ARG B 293 5.25 -29.55 -7.31
CA ARG B 293 6.17 -29.19 -8.36
C ARG B 293 6.34 -27.69 -8.51
N LEU B 294 5.29 -26.92 -8.26
CA LEU B 294 5.35 -25.47 -8.32
C LEU B 294 5.48 -24.89 -6.93
N LEU B 295 6.11 -23.72 -6.84
CA LEU B 295 6.26 -22.98 -5.59
C LEU B 295 5.79 -21.55 -5.86
N LEU B 296 4.51 -21.30 -5.60
CA LEU B 296 3.94 -19.98 -5.83
C LEU B 296 4.30 -19.06 -4.66
N ALA B 297 5.02 -17.99 -4.95
CA ALA B 297 5.53 -17.08 -3.93
C ALA B 297 5.07 -15.67 -4.23
N GLY B 298 4.37 -15.07 -3.26
CA GLY B 298 3.99 -13.65 -3.32
C GLY B 298 5.18 -12.76 -3.02
N TYR B 299 5.11 -11.48 -3.38
CA TYR B 299 6.28 -10.59 -3.19
C TYR B 299 5.84 -9.20 -2.74
N ASP B 300 6.78 -8.35 -2.32
CA ASP B 300 6.44 -6.95 -1.96
C ASP B 300 5.90 -6.28 -3.22
N ASP B 301 6.52 -6.57 -4.38
CA ASP B 301 5.98 -6.05 -5.66
C ASP B 301 4.68 -6.79 -5.96
N PHE B 302 3.79 -6.20 -6.76
CA PHE B 302 2.45 -6.81 -6.99
C PHE B 302 2.58 -8.19 -7.63
N ASN B 303 3.52 -8.38 -8.56
CA ASN B 303 3.64 -9.67 -9.29
C ASN B 303 3.97 -10.82 -8.34
N CYS B 304 3.34 -11.98 -8.53
CA CYS B 304 3.67 -13.18 -7.72
C CYS B 304 4.32 -14.21 -8.65
N ASN B 305 5.52 -14.68 -8.31
CA ASN B 305 6.25 -15.61 -9.22
C ASN B 305 5.75 -17.05 -9.03
N VAL B 306 6.08 -17.92 -9.99
CA VAL B 306 5.81 -19.35 -9.91
C VAL B 306 7.12 -20.07 -10.18
N TRP B 307 7.63 -20.78 -9.19
CA TRP B 307 8.95 -21.40 -9.27
C TRP B 307 8.82 -22.90 -9.48
N ASP B 308 9.62 -23.42 -10.39
CA ASP B 308 9.75 -24.87 -10.55
C ASP B 308 10.53 -25.40 -9.36
N ALA B 309 9.79 -25.92 -8.38
CA ALA B 309 10.36 -26.23 -7.05
C ALA B 309 11.47 -27.29 -7.17
N LEU B 310 11.61 -27.91 -8.34
CA LEU B 310 12.72 -28.88 -8.53
C LEU B 310 13.89 -28.24 -9.29
N LYS B 311 13.61 -27.32 -10.23
CA LYS B 311 14.71 -26.75 -11.06
C LYS B 311 15.05 -25.32 -10.66
N ALA B 312 14.34 -24.75 -9.69
CA ALA B 312 14.62 -23.38 -9.18
C ALA B 312 14.50 -22.34 -10.30
N ASP B 313 14.12 -22.77 -11.51
CA ASP B 313 13.84 -21.84 -12.61
C ASP B 313 12.41 -21.33 -12.49
N ARG B 314 12.24 -20.04 -12.72
CA ARG B 314 10.90 -19.47 -12.71
C ARG B 314 10.11 -20.00 -13.90
N ALA B 315 8.80 -20.15 -13.71
CA ALA B 315 7.96 -20.73 -14.75
C ALA B 315 6.67 -19.97 -14.96
N GLY B 316 6.55 -18.76 -14.45
CA GLY B 316 5.33 -17.98 -14.61
C GLY B 316 5.29 -16.84 -13.64
N VAL B 317 4.36 -15.91 -13.88
CA VAL B 317 4.12 -14.77 -12.94
C VAL B 317 2.62 -14.49 -12.88
N LEU B 318 2.16 -13.83 -11.81
CA LEU B 318 0.74 -13.43 -11.67
C LEU B 318 0.68 -11.94 -11.35
N ALA B 319 1.08 -11.08 -12.30
CA ALA B 319 1.14 -9.63 -12.04
C ALA B 319 -0.21 -8.95 -12.32
N GLY B 320 -1.22 -9.17 -11.48
CA GLY B 320 -2.50 -8.48 -11.67
C GLY B 320 -2.99 -7.75 -10.42
N HIS B 321 -2.36 -7.99 -9.27
CA HIS B 321 -2.84 -7.39 -7.99
C HIS B 321 -2.72 -5.87 -7.96
N ASP B 322 -1.62 -5.31 -8.45
CA ASP B 322 -1.41 -3.83 -8.45
C ASP B 322 -1.06 -3.34 -7.04
N ASN B 323 -0.82 -4.26 -6.11
CA ASN B 323 -0.43 -3.90 -4.72
C ASN B 323 0.31 -5.08 -4.09
N ARG B 324 0.95 -4.87 -2.93
CA ARG B 324 1.76 -5.93 -2.29
C ARG B 324 0.86 -7.14 -2.03
N VAL B 325 1.34 -8.35 -2.32
CA VAL B 325 0.49 -9.57 -2.15
C VAL B 325 0.61 -10.04 -0.70
N SER B 326 -0.39 -9.73 0.13
CA SER B 326 -0.36 -10.11 1.56
C SER B 326 -0.42 -11.62 1.76
N CYS B 327 -1.28 -12.32 1.00
CA CYS B 327 -1.47 -13.77 1.25
C CYS B 327 -1.56 -14.55 -0.08
N LEU B 328 -1.63 -15.87 0.02
CA LEU B 328 -1.54 -16.76 -1.13
C LEU B 328 -1.87 -18.17 -0.67
N GLY B 329 -2.67 -18.88 -1.45
CA GLY B 329 -3.07 -20.21 -1.06
C GLY B 329 -3.58 -21.07 -2.19
N VAL B 330 -3.11 -22.30 -2.26
CA VAL B 330 -3.59 -23.28 -3.24
C VAL B 330 -4.61 -24.17 -2.57
N THR B 331 -5.62 -24.59 -3.34
CA THR B 331 -6.67 -25.44 -2.80
C THR B 331 -6.13 -26.83 -2.51
N ASP B 332 -6.88 -27.61 -1.72
CA ASP B 332 -6.46 -28.96 -1.40
C ASP B 332 -6.49 -29.86 -2.62
N ASP B 333 -7.46 -29.65 -3.52
CA ASP B 333 -7.48 -30.41 -4.76
C ASP B 333 -6.58 -29.82 -5.84
N GLY B 334 -5.93 -28.70 -5.56
CA GLY B 334 -5.00 -28.12 -6.51
C GLY B 334 -5.64 -27.42 -7.69
N MET B 335 -6.90 -27.03 -7.58
CA MET B 335 -7.60 -26.43 -8.71
C MET B 335 -7.21 -24.96 -8.89
N ALA B 336 -7.48 -24.15 -7.87
CA ALA B 336 -7.28 -22.71 -7.95
C ALA B 336 -6.15 -22.27 -7.03
N VAL B 337 -5.69 -21.04 -7.25
CA VAL B 337 -4.69 -20.40 -6.41
C VAL B 337 -5.24 -19.01 -6.08
N ALA B 338 -5.92 -18.91 -4.93
CA ALA B 338 -6.44 -17.61 -4.45
C ALA B 338 -5.29 -16.77 -3.92
N THR B 339 -5.11 -15.57 -4.48
CA THR B 339 -4.03 -14.65 -4.01
C THR B 339 -4.68 -13.37 -3.47
N GLY B 340 -4.30 -12.96 -2.25
CA GLY B 340 -4.85 -11.73 -1.65
C GLY B 340 -3.80 -10.64 -1.63
N SER B 341 -4.23 -9.38 -1.71
CA SER B 341 -3.25 -8.26 -1.80
C SER B 341 -3.72 -7.04 -1.01
N TRP B 342 -2.80 -6.10 -0.76
CA TRP B 342 -3.14 -4.85 -0.01
C TRP B 342 -4.07 -4.00 -0.86
N ASP B 343 -4.26 -4.37 -2.13
CA ASP B 343 -5.19 -3.66 -3.05
C ASP B 343 -6.64 -3.90 -2.62
N SER B 344 -6.85 -4.78 -1.62
CA SER B 344 -8.22 -5.06 -1.09
C SER B 344 -8.98 -6.05 -1.98
N PHE B 345 -8.32 -6.64 -2.97
CA PHE B 345 -9.04 -7.55 -3.92
C PHE B 345 -8.36 -8.93 -3.94
N LEU B 346 -9.17 -9.98 -3.78
CA LEU B 346 -8.63 -11.37 -3.75
C LEU B 346 -8.94 -12.03 -5.10
N LYS B 347 -7.89 -12.40 -5.84
CA LYS B 347 -8.05 -12.91 -7.23
C LYS B 347 -7.83 -14.42 -7.25
N ILE B 348 -8.70 -15.17 -7.93
CA ILE B 348 -8.54 -16.64 -8.05
C ILE B 348 -7.88 -16.92 -9.41
N TRP B 349 -6.74 -17.63 -9.40
CA TRP B 349 -6.01 -17.95 -10.65
C TRP B 349 -6.07 -19.46 -10.90
N ASN B 350 -6.47 -19.88 -12.09
CA ASN B 350 -6.52 -21.32 -12.43
C ASN B 350 -5.63 -21.59 -13.64
N SER C 8 22.03 -13.27 29.47
CA SER C 8 21.76 -13.93 30.74
C SER C 8 22.52 -15.23 30.85
N ILE C 9 22.37 -15.91 31.98
CA ILE C 9 23.02 -17.20 32.20
C ILE C 9 21.99 -18.31 32.10
N ALA C 10 20.72 -17.97 32.35
CA ALA C 10 19.66 -18.96 32.25
C ALA C 10 19.26 -19.21 30.79
N GLN C 11 19.02 -18.14 30.03
CA GLN C 11 18.68 -18.29 28.62
C GLN C 11 19.86 -18.76 27.78
N ALA C 12 21.09 -18.51 28.23
CA ALA C 12 22.25 -19.01 27.53
C ALA C 12 22.48 -20.50 27.75
N ARG C 13 21.94 -21.06 28.84
CA ARG C 13 22.03 -22.50 29.07
C ARG C 13 21.02 -23.26 28.23
N LYS C 14 19.87 -22.65 27.92
CA LYS C 14 18.91 -23.29 27.03
C LYS C 14 19.50 -23.50 25.64
N LEU C 15 20.34 -22.57 25.18
CA LEU C 15 21.04 -22.73 23.91
C LEU C 15 22.04 -23.88 23.94
N VAL C 16 22.35 -24.42 25.10
CA VAL C 16 23.25 -25.57 25.18
C VAL C 16 22.46 -26.88 25.22
N GLU C 17 21.42 -26.95 26.05
CA GLU C 17 20.59 -28.14 26.11
C GLU C 17 19.82 -28.39 24.84
N GLN C 18 19.70 -27.40 23.95
CA GLN C 18 19.01 -27.55 22.68
C GLN C 18 19.96 -27.94 21.54
N LEU C 19 21.13 -27.32 21.47
CA LEU C 19 22.09 -27.68 20.42
C LEU C 19 22.58 -29.11 20.59
N LYS C 20 22.62 -29.60 21.83
CA LYS C 20 22.97 -31.00 22.05
C LYS C 20 21.84 -31.93 21.61
N MET C 21 20.59 -31.49 21.73
CA MET C 21 19.47 -32.33 21.36
C MET C 21 19.25 -32.35 19.85
N GLU C 22 19.68 -31.29 19.16
CA GLU C 22 19.60 -31.23 17.71
C GLU C 22 20.80 -31.87 17.02
N ALA C 23 21.86 -32.16 17.76
CA ALA C 23 23.07 -32.73 17.18
C ALA C 23 23.04 -34.25 17.13
N ASN C 24 22.09 -34.89 17.81
CA ASN C 24 22.01 -36.35 17.84
C ASN C 24 20.98 -36.92 16.89
N ILE C 25 20.28 -36.07 16.13
CA ILE C 25 19.29 -36.57 15.18
C ILE C 25 19.99 -37.24 14.00
N ASP C 26 19.25 -38.13 13.34
CA ASP C 26 19.78 -38.89 12.22
C ASP C 26 19.53 -38.13 10.93
N ARG C 27 20.60 -37.82 10.21
CA ARG C 27 20.52 -37.08 8.96
C ARG C 27 20.88 -38.01 7.80
N ILE C 28 20.01 -38.05 6.79
CA ILE C 28 20.25 -38.86 5.60
C ILE C 28 20.87 -37.97 4.54
N LYS C 29 21.60 -38.60 3.62
CA LYS C 29 22.26 -37.87 2.55
C LYS C 29 21.23 -37.20 1.65
N VAL C 30 21.59 -36.03 1.12
CA VAL C 30 20.66 -35.31 0.27
C VAL C 30 20.49 -35.99 -1.08
N SER C 31 21.42 -36.84 -1.50
CA SER C 31 21.17 -37.65 -2.69
C SER C 31 20.06 -38.67 -2.45
N LYS C 32 19.77 -38.98 -1.19
CA LYS C 32 18.64 -39.81 -0.81
C LYS C 32 17.41 -39.00 -0.41
N ALA C 33 17.63 -37.80 0.11
CA ALA C 33 16.51 -36.97 0.56
C ALA C 33 15.96 -36.08 -0.54
N ALA C 34 16.74 -35.84 -1.60
CA ALA C 34 16.26 -35.07 -2.74
C ALA C 34 15.78 -35.97 -3.88
N ALA C 35 16.15 -37.24 -3.87
CA ALA C 35 15.62 -38.20 -4.83
C ALA C 35 14.22 -38.67 -4.45
N ASP C 36 13.71 -38.24 -3.30
CA ASP C 36 12.34 -38.54 -2.90
C ASP C 36 11.38 -37.38 -3.11
N LEU C 37 11.92 -36.19 -3.34
CA LEU C 37 11.07 -34.99 -3.61
C LEU C 37 10.61 -35.05 -5.07
N MET C 38 11.55 -35.21 -6.00
CA MET C 38 11.20 -35.34 -7.44
C MET C 38 10.36 -36.62 -7.63
N ALA C 39 10.72 -37.70 -6.94
CA ALA C 39 9.99 -38.99 -7.09
C ALA C 39 8.56 -38.85 -6.54
N TYR C 40 8.31 -37.84 -5.71
CA TYR C 40 6.95 -37.52 -5.32
C TYR C 40 6.26 -36.66 -6.37
N CYS C 41 7.02 -35.79 -7.03
CA CYS C 41 6.49 -34.95 -8.09
C CYS C 41 6.32 -35.70 -9.41
N GLU C 42 6.76 -36.96 -9.48
CA GLU C 42 6.55 -37.80 -10.66
C GLU C 42 5.40 -38.77 -10.48
N ALA C 43 4.95 -39.00 -9.26
CA ALA C 43 3.78 -39.84 -9.00
C ALA C 43 2.50 -39.05 -8.82
N HIS C 44 2.59 -37.72 -8.74
CA HIS C 44 1.42 -36.86 -8.57
C HIS C 44 1.34 -35.79 -9.64
N ALA C 45 2.17 -35.87 -10.68
CA ALA C 45 2.13 -34.88 -11.75
C ALA C 45 0.84 -34.93 -12.56
N LYS C 46 0.12 -36.06 -12.50
CA LYS C 46 -1.12 -36.17 -13.27
C LYS C 46 -2.28 -35.51 -12.54
N GLU C 47 -2.20 -35.41 -11.22
CA GLU C 47 -3.26 -34.88 -10.39
C GLU C 47 -3.02 -33.44 -9.98
N ASP C 48 -2.29 -32.67 -10.78
CA ASP C 48 -2.03 -31.26 -10.48
C ASP C 48 -2.70 -30.39 -11.52
N PRO C 49 -3.88 -29.84 -11.25
CA PRO C 49 -4.57 -29.01 -12.25
C PRO C 49 -3.80 -27.77 -12.66
N LEU C 50 -2.83 -27.32 -11.87
CA LEU C 50 -2.03 -26.16 -12.25
C LEU C 50 -0.84 -26.54 -13.11
N LEU C 51 -0.21 -27.68 -12.82
CA LEU C 51 0.95 -28.11 -13.60
C LEU C 51 0.55 -28.53 -15.01
N THR C 52 -0.51 -29.34 -15.12
CA THR C 52 -1.02 -29.78 -16.42
C THR C 52 -2.27 -29.01 -16.78
N PRO C 53 -2.42 -28.64 -18.06
CA PRO C 53 -3.62 -27.90 -18.48
C PRO C 53 -4.88 -28.69 -18.20
N VAL C 54 -5.82 -28.05 -17.50
CA VAL C 54 -7.08 -28.67 -17.13
C VAL C 54 -8.10 -28.42 -18.24
N PRO C 55 -8.91 -29.42 -18.60
CA PRO C 55 -9.98 -29.16 -19.58
C PRO C 55 -11.08 -28.30 -18.97
N ALA C 56 -11.66 -27.45 -19.82
CA ALA C 56 -12.67 -26.50 -19.36
C ALA C 56 -13.93 -27.18 -18.82
N SER C 57 -14.08 -28.49 -19.02
CA SER C 57 -15.24 -29.19 -18.47
C SER C 57 -15.04 -29.49 -16.99
N GLU C 58 -13.89 -30.07 -16.63
CA GLU C 58 -13.63 -30.39 -15.22
C GLU C 58 -13.28 -29.14 -14.42
N ASN C 59 -12.74 -28.11 -15.07
CA ASN C 59 -12.37 -26.88 -14.38
C ASN C 59 -13.61 -26.16 -13.87
N PRO C 60 -13.78 -25.98 -12.56
CA PRO C 60 -14.96 -25.28 -12.05
C PRO C 60 -14.86 -23.77 -12.14
N PHE C 61 -13.68 -23.22 -12.40
CA PHE C 61 -13.48 -21.77 -12.48
C PHE C 61 -13.47 -21.27 -13.93
N ARG C 62 -14.19 -21.95 -14.82
CA ARG C 62 -14.25 -21.56 -16.22
C ARG C 62 -15.05 -20.27 -16.38
N GLN D 1 23.37 -18.76 8.55
CA GLN D 1 23.43 -18.29 9.93
C GLN D 1 24.10 -16.93 10.01
N VAL D 2 23.31 -15.91 10.34
CA VAL D 2 23.82 -14.55 10.43
C VAL D 2 24.66 -14.45 11.71
N GLN D 3 25.98 -14.47 11.55
CA GLN D 3 26.91 -14.39 12.68
C GLN D 3 27.71 -13.10 12.54
N LEU D 4 27.64 -12.27 13.57
CA LEU D 4 28.37 -11.00 13.64
C LEU D 4 29.34 -11.11 14.81
N GLN D 5 30.54 -11.62 14.54
CA GLN D 5 31.55 -11.84 15.58
C GLN D 5 32.57 -10.69 15.49
N GLU D 6 32.43 -9.72 16.38
CA GLU D 6 33.32 -8.57 16.43
C GLU D 6 34.55 -8.86 17.28
N SER D 7 35.52 -7.93 17.23
CA SER D 7 36.80 -8.10 17.88
C SER D 7 37.19 -6.76 18.51
N GLY D 8 38.45 -6.65 18.89
CA GLY D 8 38.94 -5.42 19.49
C GLY D 8 38.40 -5.21 20.90
N GLY D 9 38.65 -4.00 21.40
CA GLY D 9 38.17 -3.63 22.71
C GLY D 9 39.08 -4.12 23.82
N GLY D 10 38.80 -3.63 25.01
CA GLY D 10 39.56 -3.99 26.19
C GLY D 10 39.66 -2.80 27.13
N LEU D 11 40.86 -2.64 27.71
CA LEU D 11 41.14 -1.60 28.68
C LEU D 11 42.12 -0.60 28.08
N VAL D 12 41.72 0.67 28.06
CA VAL D 12 42.59 1.75 27.60
C VAL D 12 42.44 2.93 28.56
N GLN D 13 43.51 3.72 28.66
CA GLN D 13 43.49 4.88 29.53
C GLN D 13 42.65 6.00 28.90
N PRO D 14 42.03 6.84 29.74
CA PRO D 14 41.23 7.95 29.19
C PRO D 14 42.08 8.84 28.28
N GLY D 15 41.63 8.97 27.04
CA GLY D 15 42.38 9.67 26.02
C GLY D 15 43.09 8.77 25.03
N GLY D 16 42.98 7.45 25.19
CA GLY D 16 43.61 6.50 24.29
C GLY D 16 42.89 6.38 22.97
N SER D 17 43.06 5.23 22.33
CA SER D 17 42.45 4.99 21.02
C SER D 17 42.35 3.50 20.79
N LEU D 18 41.16 3.03 20.45
CA LEU D 18 40.90 1.64 20.13
C LEU D 18 40.41 1.52 18.70
N ARG D 19 40.29 0.28 18.22
CA ARG D 19 39.79 0.01 16.88
C ARG D 19 38.95 -1.27 16.96
N LEU D 20 37.63 -1.11 17.00
CA LEU D 20 36.72 -2.24 17.08
C LEU D 20 36.45 -2.76 15.67
N SER D 21 36.77 -4.02 15.44
CA SER D 21 36.47 -4.69 14.20
C SER D 21 35.17 -5.47 14.34
N CYS D 22 34.67 -5.99 13.21
CA CYS D 22 33.46 -6.79 13.22
C CYS D 22 33.48 -7.71 12.00
N ALA D 23 33.83 -8.97 12.22
CA ALA D 23 33.89 -9.96 11.14
C ALA D 23 32.48 -10.52 10.95
N ALA D 24 31.80 -10.08 9.90
CA ALA D 24 30.44 -10.51 9.62
C ALA D 24 30.44 -11.67 8.64
N SER D 25 29.54 -12.62 8.86
CA SER D 25 29.41 -13.78 7.98
C SER D 25 27.96 -14.21 7.94
N GLY D 26 27.63 -15.06 6.96
CA GLY D 26 26.30 -15.60 6.83
C GLY D 26 25.35 -14.78 5.99
N PHE D 27 25.80 -13.68 5.40
CA PHE D 27 24.93 -12.84 4.59
C PHE D 27 25.79 -12.01 3.65
N THR D 28 25.15 -11.49 2.60
CA THR D 28 25.83 -10.60 1.67
C THR D 28 26.07 -9.26 2.35
N PHE D 29 27.33 -9.01 2.74
CA PHE D 29 27.64 -7.85 3.56
C PHE D 29 27.38 -6.54 2.83
N SER D 30 27.45 -6.55 1.49
CA SER D 30 27.36 -5.33 0.71
C SER D 30 25.92 -4.84 0.50
N ASN D 31 24.93 -5.55 1.02
CA ASN D 31 23.54 -5.16 0.83
C ASN D 31 22.91 -4.52 2.07
N TYR D 32 23.55 -4.62 3.23
CA TYR D 32 22.95 -4.21 4.48
C TYR D 32 23.68 -3.00 5.05
N LYS D 33 22.90 -2.10 5.66
CA LYS D 33 23.44 -0.94 6.34
C LYS D 33 23.87 -1.35 7.74
N MET D 34 25.17 -1.33 8.00
CA MET D 34 25.67 -1.77 9.29
C MET D 34 25.59 -0.64 10.32
N ASN D 35 25.62 -1.02 11.59
CA ASN D 35 25.45 -0.08 12.68
C ASN D 35 26.50 -0.37 13.75
N TRP D 36 26.49 0.47 14.78
CA TRP D 36 27.25 0.24 16.01
C TRP D 36 26.40 0.74 17.16
N VAL D 37 26.12 -0.13 18.12
CA VAL D 37 25.36 0.24 19.31
C VAL D 37 26.16 -0.20 20.53
N ARG D 38 25.87 0.45 21.66
CA ARG D 38 26.58 0.15 22.89
C ARG D 38 25.59 0.15 24.05
N GLN D 39 25.95 -0.59 25.10
CA GLN D 39 25.14 -0.70 26.31
C GLN D 39 26.01 -0.27 27.49
N ALA D 40 25.76 0.94 27.99
CA ALA D 40 26.48 1.41 29.15
C ALA D 40 26.09 0.60 30.39
N PRO D 41 27.02 0.39 31.32
CA PRO D 41 26.71 -0.38 32.53
C PRO D 41 25.61 0.32 33.34
N GLY D 42 24.47 -0.37 33.46
CA GLY D 42 23.35 0.16 34.20
C GLY D 42 22.33 0.92 33.38
N LYS D 43 22.48 0.97 32.06
CA LYS D 43 21.55 1.68 31.20
C LYS D 43 21.27 0.84 29.96
N GLY D 44 20.16 1.16 29.30
CA GLY D 44 19.77 0.44 28.10
C GLY D 44 20.71 0.72 26.95
N LEU D 45 20.42 0.06 25.83
CA LEU D 45 21.24 0.24 24.63
C LEU D 45 20.98 1.61 24.00
N GLU D 46 22.03 2.21 23.48
CA GLU D 46 21.94 3.46 22.75
C GLU D 46 22.68 3.33 21.44
N TRP D 47 22.24 4.08 20.45
CA TRP D 47 22.83 4.02 19.12
C TRP D 47 24.05 4.90 19.04
N VAL D 48 25.10 4.40 18.39
CA VAL D 48 26.39 5.08 18.32
C VAL D 48 26.66 5.61 16.92
N SER D 49 26.63 4.74 15.91
CA SER D 49 26.98 5.13 14.55
C SER D 49 26.30 4.17 13.58
N ASP D 50 26.47 4.43 12.29
CA ASP D 50 26.03 3.53 11.23
C ASP D 50 26.71 3.95 9.94
N ILE D 51 26.44 3.19 8.89
CA ILE D 51 27.01 3.46 7.57
C ILE D 51 26.16 2.73 6.54
N SER D 52 25.85 3.43 5.45
CA SER D 52 24.98 2.84 4.44
C SER D 52 25.74 1.79 3.64
N GLN D 53 24.99 0.98 2.90
CA GLN D 53 25.58 -0.07 2.10
C GLN D 53 26.40 0.49 0.94
N SER D 54 26.16 1.73 0.55
CA SER D 54 26.93 2.35 -0.52
C SER D 54 28.41 2.42 -0.15
N GLY D 55 28.71 2.75 1.10
CA GLY D 55 30.07 2.86 1.55
C GLY D 55 30.35 4.21 2.18
N ALA D 56 29.73 5.26 1.64
CA ALA D 56 29.88 6.62 2.15
C ALA D 56 28.51 7.24 2.37
N SER D 57 27.91 6.92 3.52
CA SER D 57 26.78 7.68 4.04
C SER D 57 26.76 7.37 5.54
N ILE D 58 27.29 8.29 6.33
CA ILE D 58 27.66 8.02 7.71
C ILE D 58 26.89 8.94 8.64
N SER D 59 26.51 8.40 9.79
CA SER D 59 25.86 9.20 10.84
C SER D 59 26.42 8.77 12.19
N TYR D 60 26.46 9.71 13.12
CA TYR D 60 26.91 9.45 14.47
C TYR D 60 25.92 10.02 15.46
N THR D 61 26.05 9.58 16.72
CA THR D 61 25.34 10.26 17.80
C THR D 61 26.14 11.49 18.22
N GLY D 62 25.44 12.43 18.84
CA GLY D 62 26.06 13.72 19.14
C GLY D 62 27.31 13.61 19.99
N SER D 63 27.38 12.60 20.86
CA SER D 63 28.48 12.52 21.82
C SER D 63 29.72 11.85 21.26
N VAL D 64 29.71 11.38 20.02
CA VAL D 64 30.88 10.71 19.46
C VAL D 64 31.31 11.40 18.17
N LYS D 65 30.66 12.51 17.84
CA LYS D 65 30.99 13.22 16.61
C LYS D 65 32.41 13.78 16.68
N GLY D 66 33.20 13.50 15.63
CA GLY D 66 34.57 13.93 15.56
C GLY D 66 35.56 12.99 16.21
N ARG D 67 35.13 12.24 17.22
CA ARG D 67 36.02 11.32 17.92
C ARG D 67 36.00 9.92 17.33
N PHE D 68 34.82 9.38 17.02
CA PHE D 68 34.68 8.05 16.46
C PHE D 68 34.58 8.13 14.94
N THR D 69 34.90 7.01 14.30
CA THR D 69 34.86 6.92 12.84
C THR D 69 34.52 5.50 12.44
N ILE D 70 33.40 5.32 11.74
CA ILE D 70 32.98 4.02 11.26
C ILE D 70 33.44 3.86 9.81
N SER D 71 33.77 2.63 9.44
CA SER D 71 34.23 2.33 8.09
C SER D 71 34.07 0.84 7.84
N ARG D 72 33.57 0.49 6.66
CA ARG D 72 33.31 -0.89 6.31
C ARG D 72 34.10 -1.26 5.06
N ASP D 73 34.50 -2.53 4.99
CA ASP D 73 35.24 -3.07 3.85
C ASP D 73 34.40 -4.18 3.24
N ASN D 74 33.60 -3.84 2.23
CA ASN D 74 32.68 -4.82 1.64
C ASN D 74 33.43 -5.96 0.97
N ALA D 75 34.64 -5.71 0.46
CA ALA D 75 35.42 -6.76 -0.16
C ALA D 75 35.95 -7.77 0.85
N LYS D 76 35.86 -7.48 2.15
CA LYS D 76 36.31 -8.39 3.19
C LYS D 76 35.21 -8.72 4.18
N ASN D 77 34.03 -8.10 4.08
CA ASN D 77 32.93 -8.32 5.00
C ASN D 77 33.34 -8.00 6.43
N THR D 78 33.80 -6.77 6.62
CA THR D 78 34.29 -6.32 7.91
C THR D 78 33.81 -4.91 8.17
N LEU D 79 33.44 -4.63 9.42
CA LEU D 79 33.00 -3.31 9.84
C LEU D 79 33.90 -2.83 10.97
N TYR D 80 34.42 -1.62 10.85
CA TYR D 80 35.36 -1.07 11.81
C TYR D 80 34.74 0.11 12.56
N LEU D 81 35.35 0.42 13.70
CA LEU D 81 34.99 1.63 14.45
C LEU D 81 36.27 2.17 15.07
N GLN D 82 36.90 3.14 14.40
CA GLN D 82 38.12 3.75 14.91
C GLN D 82 37.74 4.73 16.01
N MET D 83 37.97 4.33 17.26
CA MET D 83 37.65 5.15 18.41
C MET D 83 38.86 5.98 18.81
N ASN D 84 38.65 7.28 18.99
CA ASN D 84 39.71 8.20 19.36
C ASN D 84 39.22 9.12 20.47
N SER D 85 40.14 9.53 21.33
CA SER D 85 39.84 10.44 22.44
C SER D 85 38.74 9.86 23.34
N LEU D 86 39.06 8.72 23.94
CA LEU D 86 38.07 7.98 24.73
C LEU D 86 37.79 8.70 26.04
N LYS D 87 36.53 9.11 26.22
CA LYS D 87 36.10 9.73 27.47
C LYS D 87 35.78 8.65 28.50
N PRO D 88 35.82 9.00 29.79
CA PRO D 88 35.53 7.98 30.82
C PRO D 88 34.10 7.46 30.78
N GLU D 89 33.14 8.29 30.36
CA GLU D 89 31.75 7.86 30.29
C GLU D 89 31.41 7.13 29.00
N ASP D 90 32.39 6.93 28.12
CA ASP D 90 32.20 6.17 26.90
C ASP D 90 32.56 4.70 27.07
N THR D 91 32.48 4.18 28.30
CA THR D 91 32.73 2.77 28.54
C THR D 91 31.41 2.00 28.50
N ALA D 92 31.38 0.94 27.70
CA ALA D 92 30.16 0.18 27.45
C ALA D 92 30.54 -1.09 26.69
N VAL D 93 29.54 -1.89 26.38
CA VAL D 93 29.70 -3.09 25.57
C VAL D 93 29.22 -2.74 24.17
N TYR D 94 30.15 -2.76 23.21
CA TYR D 94 29.86 -2.30 21.86
C TYR D 94 29.43 -3.47 20.98
N TYR D 95 28.19 -3.40 20.48
CA TYR D 95 27.63 -4.42 19.60
C TYR D 95 27.69 -3.96 18.15
N CYS D 96 27.91 -4.90 17.26
CA CYS D 96 27.98 -4.65 15.82
C CYS D 96 26.64 -5.06 15.21
N ALA D 97 25.66 -4.17 15.30
CA ALA D 97 24.32 -4.48 14.84
C ALA D 97 24.24 -4.44 13.31
N ARG D 98 23.08 -4.84 12.79
CA ARG D 98 22.82 -4.82 11.35
C ARG D 98 21.36 -4.50 11.14
N CYS D 99 21.07 -3.69 10.14
CA CYS D 99 19.68 -3.39 9.85
C CYS D 99 18.98 -4.63 9.29
N PRO D 100 17.69 -4.82 9.59
CA PRO D 100 17.03 -6.10 9.30
C PRO D 100 16.98 -6.47 7.83
N ALA D 101 16.43 -5.60 7.00
CA ALA D 101 16.19 -5.96 5.61
C ALA D 101 17.23 -5.30 4.70
N PRO D 102 17.57 -5.93 3.58
CA PRO D 102 18.53 -5.33 2.64
C PRO D 102 17.88 -4.29 1.75
N PHE D 103 18.73 -3.41 1.22
CA PHE D 103 18.31 -2.37 0.27
C PHE D 103 17.27 -1.43 0.86
N THR D 104 17.32 -1.20 2.16
CA THR D 104 16.42 -0.27 2.83
C THR D 104 17.23 0.80 3.55
N ARG D 105 16.53 1.86 3.96
CA ARG D 105 17.15 2.99 4.64
C ARG D 105 16.65 3.16 6.07
N ASP D 106 15.89 2.20 6.58
CA ASP D 106 15.35 2.25 7.95
C ASP D 106 15.87 1.07 8.75
N CYS D 107 16.03 1.29 10.05
CA CYS D 107 16.62 0.29 10.93
C CYS D 107 15.97 0.35 12.31
N PHE D 108 15.91 -0.80 12.97
CA PHE D 108 15.29 -0.98 14.28
C PHE D 108 16.19 -1.81 15.19
N ASP D 109 17.47 -1.40 15.31
CA ASP D 109 18.50 -2.26 15.89
C ASP D 109 18.64 -2.17 17.40
N VAL D 110 18.06 -1.16 18.05
CA VAL D 110 18.13 -1.01 19.49
C VAL D 110 16.81 -1.52 20.06
N THR D 111 16.76 -2.81 20.41
CA THR D 111 15.50 -3.45 20.77
C THR D 111 15.67 -4.37 21.96
N SER D 112 16.34 -3.88 23.01
CA SER D 112 16.39 -4.55 24.31
C SER D 112 16.99 -5.96 24.19
N THR D 113 18.03 -6.05 23.37
CA THR D 113 18.88 -7.24 23.24
C THR D 113 18.09 -8.36 22.56
N THR D 114 16.81 -8.14 22.29
CA THR D 114 16.01 -9.11 21.58
C THR D 114 16.24 -9.06 20.08
N TYR D 115 17.14 -8.21 19.61
CA TYR D 115 17.49 -8.17 18.20
C TYR D 115 18.35 -9.37 17.84
N ALA D 116 18.05 -9.98 16.70
CA ALA D 116 18.70 -11.23 16.33
C ALA D 116 19.96 -11.02 15.50
N TYR D 117 19.96 -10.04 14.61
CA TYR D 117 21.12 -9.78 13.75
C TYR D 117 22.05 -8.78 14.42
N ARG D 118 22.58 -9.20 15.56
CA ARG D 118 23.47 -8.38 16.36
C ARG D 118 24.58 -9.27 16.92
N GLY D 119 25.67 -8.64 17.33
CA GLY D 119 26.79 -9.35 17.90
C GLY D 119 26.66 -9.54 19.40
N GLN D 120 27.65 -10.23 19.98
CA GLN D 120 27.64 -10.49 21.41
C GLN D 120 28.17 -9.29 22.20
N GLY D 121 29.05 -8.50 21.61
CA GLY D 121 29.57 -7.31 22.27
C GLY D 121 31.03 -7.46 22.65
N THR D 122 31.70 -6.31 22.76
CA THR D 122 33.08 -6.24 23.25
C THR D 122 33.14 -5.20 24.36
N GLN D 123 33.71 -5.60 25.50
CA GLN D 123 33.85 -4.68 26.61
C GLN D 123 34.94 -3.66 26.30
N VAL D 124 34.63 -2.38 26.53
CA VAL D 124 35.57 -1.28 26.34
C VAL D 124 35.58 -0.50 27.66
N THR D 125 36.62 -0.70 28.45
CA THR D 125 36.73 -0.08 29.76
C THR D 125 37.76 1.05 29.71
N VAL D 126 37.39 2.22 30.22
CA VAL D 126 38.28 3.37 30.22
C VAL D 126 38.36 3.97 31.62
N HIS E 1 -24.38 30.20 -25.44
CA HIS E 1 -23.02 29.74 -25.31
C HIS E 1 -22.17 30.11 -26.53
N SER E 2 -21.00 29.46 -26.67
CA SER E 2 -20.08 29.84 -27.73
C SER E 2 -20.47 29.28 -29.08
N ASP E 3 -21.08 28.09 -29.10
CA ASP E 3 -21.53 27.50 -30.35
C ASP E 3 -22.89 28.04 -30.78
N GLY E 4 -23.74 28.43 -29.83
CA GLY E 4 -25.00 29.05 -30.15
C GLY E 4 -24.90 30.45 -30.69
N ILE E 5 -23.70 31.03 -30.68
CA ILE E 5 -23.45 32.33 -31.27
C ILE E 5 -22.91 32.21 -32.70
N PHE E 6 -22.12 31.17 -32.95
CA PHE E 6 -21.65 30.94 -34.32
C PHE E 6 -22.80 30.51 -35.23
N THR E 7 -23.69 29.66 -34.72
CA THR E 7 -24.82 29.23 -35.54
C THR E 7 -25.82 30.36 -35.73
N ASP E 8 -26.01 31.20 -34.72
CA ASP E 8 -26.81 32.42 -34.90
C ASP E 8 -26.20 33.29 -35.99
N SER E 9 -24.88 33.45 -35.98
CA SER E 9 -24.24 34.36 -36.92
C SER E 9 -24.13 33.76 -38.31
N TYR E 10 -23.85 32.46 -38.38
CA TYR E 10 -23.65 31.84 -39.70
C TYR E 10 -24.98 31.55 -40.39
N SER E 11 -26.01 31.21 -39.62
CA SER E 11 -27.32 30.99 -40.24
C SER E 11 -27.91 32.30 -40.72
N ARG E 12 -27.79 33.37 -39.92
CA ARG E 12 -28.24 34.68 -40.37
C ARG E 12 -27.42 35.17 -41.55
N TYR E 13 -26.17 34.73 -41.65
CA TYR E 13 -25.33 35.11 -42.78
C TYR E 13 -25.77 34.42 -44.05
N ARG E 14 -25.97 33.10 -44.00
CA ARG E 14 -26.41 32.37 -45.18
C ARG E 14 -27.80 32.83 -45.62
N LYS E 15 -28.66 33.19 -44.67
CA LYS E 15 -29.96 33.73 -45.01
C LYS E 15 -29.83 35.10 -45.67
N GLN E 16 -28.84 35.89 -45.23
CA GLN E 16 -28.64 37.20 -45.84
C GLN E 16 -28.11 37.07 -47.27
N MET E 17 -27.22 36.09 -47.52
CA MET E 17 -26.76 35.86 -48.87
C MET E 17 -27.83 35.26 -49.77
N ALA E 18 -28.92 34.74 -49.20
CA ALA E 18 -30.02 34.20 -49.98
C ALA E 18 -31.08 35.25 -50.30
N VAL E 19 -31.39 36.13 -49.35
CA VAL E 19 -32.37 37.18 -49.60
C VAL E 19 -31.75 38.29 -50.43
N LYS E 20 -30.52 38.69 -50.09
CA LYS E 20 -29.88 39.79 -50.82
C LYS E 20 -29.47 39.38 -52.23
N LYS E 21 -29.44 38.08 -52.53
CA LYS E 21 -29.20 37.62 -53.89
C LYS E 21 -30.50 37.47 -54.68
N TYR E 22 -31.54 36.93 -54.05
CA TYR E 22 -32.84 36.84 -54.71
C TYR E 22 -33.41 38.22 -54.98
N LEU E 23 -33.23 39.15 -54.05
CA LEU E 23 -33.67 40.53 -54.28
C LEU E 23 -32.77 41.25 -55.29
N ALA E 24 -31.55 40.74 -55.53
CA ALA E 24 -30.67 41.38 -56.49
C ALA E 24 -31.04 41.00 -57.93
N ALA E 25 -31.53 39.78 -58.14
CA ALA E 25 -31.89 39.37 -59.50
C ALA E 25 -33.18 40.07 -59.95
N VAL E 26 -34.19 40.09 -59.09
CA VAL E 26 -35.47 40.70 -59.46
C VAL E 26 -35.37 42.22 -59.51
N LEU E 27 -34.32 42.81 -58.94
CA LEU E 27 -34.17 44.26 -58.96
C LEU E 27 -32.94 44.66 -59.77
N TYR F 144 -14.50 33.00 -46.72
CA TYR F 144 -14.95 34.03 -45.81
C TYR F 144 -14.36 33.81 -44.42
N TYR F 145 -14.90 34.51 -43.42
CA TYR F 145 -14.44 34.34 -42.05
C TYR F 145 -15.16 33.20 -41.36
N TYR F 146 -16.44 33.00 -41.67
CA TYR F 146 -17.21 31.95 -41.00
C TYR F 146 -16.68 30.57 -41.36
N LEU F 147 -16.40 30.32 -42.64
CA LEU F 147 -15.78 29.06 -43.01
C LEU F 147 -14.33 28.96 -42.55
N SER F 148 -13.75 30.07 -42.07
CA SER F 148 -12.42 30.01 -41.49
C SER F 148 -12.48 29.50 -40.05
N VAL F 149 -13.56 29.79 -39.34
CA VAL F 149 -13.75 29.24 -38.00
C VAL F 149 -14.38 27.86 -38.07
N LYS F 150 -15.38 27.68 -38.94
CA LYS F 150 -16.03 26.39 -39.06
C LYS F 150 -15.06 25.30 -39.48
N ALA F 151 -14.06 25.64 -40.27
CA ALA F 151 -13.00 24.70 -40.63
C ALA F 151 -11.88 24.68 -39.60
N LEU F 152 -12.00 25.43 -38.51
CA LEU F 152 -11.01 25.43 -37.45
C LEU F 152 -11.42 24.58 -36.26
N TYR F 153 -12.67 24.70 -35.81
CA TYR F 153 -13.11 23.89 -34.69
C TYR F 153 -13.45 22.47 -35.09
N THR F 154 -13.76 22.22 -36.37
CA THR F 154 -13.91 20.84 -36.83
C THR F 154 -12.59 20.08 -36.77
N VAL F 155 -11.46 20.79 -36.73
CA VAL F 155 -10.18 20.17 -36.41
C VAL F 155 -9.97 20.15 -34.89
N GLY F 156 -10.44 21.18 -34.18
CA GLY F 156 -10.38 21.14 -32.73
C GLY F 156 -11.28 20.06 -32.15
N TYR F 157 -12.53 20.00 -32.59
CA TYR F 157 -13.45 18.98 -32.13
C TYR F 157 -13.04 17.59 -32.58
N SER F 158 -12.16 17.47 -33.58
CA SER F 158 -11.70 16.17 -34.05
C SER F 158 -10.48 15.68 -33.29
N THR F 159 -9.48 16.54 -33.09
CA THR F 159 -8.34 16.13 -32.27
C THR F 159 -8.72 16.05 -30.80
N SER F 160 -9.81 16.71 -30.39
CA SER F 160 -10.40 16.49 -29.08
C SER F 160 -11.46 15.41 -29.09
N LEU F 161 -11.40 14.50 -30.05
CA LEU F 161 -12.24 13.31 -30.10
C LEU F 161 -11.45 12.03 -30.19
N VAL F 162 -10.35 12.04 -30.95
CA VAL F 162 -9.44 10.90 -30.97
C VAL F 162 -8.52 10.88 -29.76
N THR F 163 -8.44 11.98 -29.00
CA THR F 163 -7.62 12.03 -27.81
C THR F 163 -8.41 11.72 -26.55
N LEU F 164 -9.68 12.14 -26.51
CA LEU F 164 -10.50 11.85 -25.34
C LEU F 164 -11.00 10.41 -25.33
N THR F 165 -11.32 9.86 -26.50
CA THR F 165 -11.66 8.44 -26.56
C THR F 165 -10.48 7.58 -26.14
N THR F 166 -9.27 7.91 -26.62
CA THR F 166 -8.07 7.24 -26.14
C THR F 166 -7.89 7.47 -24.64
N ALA F 167 -8.26 8.65 -24.16
CA ALA F 167 -8.19 8.93 -22.73
C ALA F 167 -9.27 8.16 -21.98
N MET F 168 -10.46 8.03 -22.59
CA MET F 168 -11.54 7.29 -21.95
C MET F 168 -11.23 5.80 -21.85
N VAL F 169 -10.48 5.29 -22.83
CA VAL F 169 -10.13 3.86 -22.82
C VAL F 169 -9.14 3.57 -21.69
N ILE F 170 -8.09 4.40 -21.56
CA ILE F 170 -7.10 4.18 -20.52
C ILE F 170 -7.74 4.28 -19.13
N LEU F 171 -8.68 5.21 -18.97
CA LEU F 171 -9.35 5.35 -17.68
C LEU F 171 -10.22 4.14 -17.37
N CYS F 172 -10.76 3.50 -18.40
CA CYS F 172 -11.65 2.35 -18.19
C CYS F 172 -10.86 1.05 -18.13
N ARG F 173 -9.87 0.88 -18.99
CA ARG F 173 -9.10 -0.36 -19.05
C ARG F 173 -8.38 -0.62 -17.74
N PHE F 174 -7.46 0.25 -17.36
CA PHE F 174 -6.76 0.11 -16.09
C PHE F 174 -7.74 0.31 -14.94
N ARG F 175 -7.84 -0.68 -14.06
CA ARG F 175 -8.77 -0.62 -12.94
C ARG F 175 -8.18 0.03 -11.70
N LYS F 176 -6.86 0.23 -11.66
CA LYS F 176 -6.29 1.00 -10.56
C LYS F 176 -6.67 2.46 -10.66
N LEU F 177 -6.90 2.96 -11.87
CA LEU F 177 -7.35 4.33 -12.09
C LEU F 177 -8.87 4.42 -12.10
N HIS F 178 -9.50 3.88 -11.07
CA HIS F 178 -10.95 3.93 -10.90
C HIS F 178 -11.22 4.57 -9.55
N CYS F 179 -11.28 5.89 -9.53
CA CYS F 179 -11.56 6.66 -8.33
C CYS F 179 -12.90 7.36 -8.49
N THR F 180 -13.36 7.98 -7.41
CA THR F 180 -14.54 8.83 -7.50
C THR F 180 -14.25 10.15 -8.17
N ARG F 181 -13.00 10.46 -8.45
CA ARG F 181 -12.64 11.63 -9.25
C ARG F 181 -12.39 11.28 -10.72
N ASN F 182 -11.92 10.07 -11.01
CA ASN F 182 -11.82 9.62 -12.39
C ASN F 182 -13.17 9.26 -12.98
N PHE F 183 -14.21 9.15 -12.15
CA PHE F 183 -15.56 9.03 -12.67
C PHE F 183 -16.13 10.39 -13.03
N ILE F 184 -15.68 11.43 -12.30
CA ILE F 184 -16.02 12.80 -12.68
C ILE F 184 -15.33 13.17 -13.99
N HIS F 185 -14.08 12.74 -14.14
CA HIS F 185 -13.35 12.98 -15.38
C HIS F 185 -13.96 12.20 -16.53
N MET F 186 -14.35 10.96 -16.28
CA MET F 186 -14.96 10.15 -17.32
C MET F 186 -16.29 10.74 -17.78
N ASN F 187 -17.05 11.33 -16.86
CA ASN F 187 -18.28 12.00 -17.25
C ASN F 187 -17.98 13.30 -17.99
N LEU F 188 -16.87 13.96 -17.65
CA LEU F 188 -16.45 15.14 -18.41
C LEU F 188 -15.98 14.74 -19.80
N PHE F 189 -15.18 13.68 -19.89
CA PHE F 189 -14.65 13.26 -21.19
C PHE F 189 -15.76 12.86 -22.14
N VAL F 190 -16.83 12.27 -21.61
CA VAL F 190 -17.97 11.91 -22.45
C VAL F 190 -18.76 13.14 -22.84
N SER F 191 -18.89 14.11 -21.93
CA SER F 191 -19.60 15.34 -22.27
C SER F 191 -18.85 16.15 -23.33
N PHE F 192 -17.52 16.07 -23.34
CA PHE F 192 -16.75 16.68 -24.41
C PHE F 192 -16.98 15.97 -25.73
N MET F 193 -16.98 14.64 -25.72
CA MET F 193 -17.20 13.87 -26.94
C MET F 193 -18.64 14.04 -27.43
N LEU F 194 -19.59 14.16 -26.51
CA LEU F 194 -20.96 14.46 -26.92
C LEU F 194 -21.06 15.85 -27.55
N ARG F 195 -20.20 16.78 -27.14
CA ARG F 195 -20.21 18.11 -27.74
C ARG F 195 -19.59 18.08 -29.13
N ALA F 196 -18.48 17.37 -29.29
CA ALA F 196 -17.83 17.29 -30.61
C ALA F 196 -18.68 16.50 -31.60
N ILE F 197 -19.40 15.48 -31.13
CA ILE F 197 -20.26 14.72 -32.04
C ILE F 197 -21.48 15.55 -32.43
N SER F 198 -22.13 16.19 -31.46
CA SER F 198 -23.35 16.93 -31.73
C SER F 198 -23.11 18.13 -32.64
N VAL F 199 -21.88 18.63 -32.73
CA VAL F 199 -21.59 19.74 -33.63
C VAL F 199 -21.36 19.25 -35.05
N PHE F 200 -20.70 18.10 -35.20
CA PHE F 200 -20.55 17.52 -36.54
C PHE F 200 -21.89 17.17 -37.15
N ILE F 201 -22.89 16.87 -36.32
CA ILE F 201 -24.23 16.62 -36.84
C ILE F 201 -24.97 17.93 -37.08
N LYS F 202 -24.75 18.90 -36.18
CA LYS F 202 -25.50 20.19 -36.24
C LYS F 202 -25.12 20.89 -37.55
N ASP F 203 -23.82 21.01 -37.83
CA ASP F 203 -23.37 21.74 -39.04
C ASP F 203 -23.94 21.04 -40.27
N TRP F 204 -23.89 19.71 -40.29
CA TRP F 204 -24.37 18.94 -41.47
C TRP F 204 -25.87 19.15 -41.68
N ILE F 205 -26.67 19.07 -40.60
CA ILE F 205 -28.15 19.22 -40.75
C ILE F 205 -28.49 20.66 -41.16
N LEU F 206 -27.91 21.66 -40.47
CA LEU F 206 -28.20 23.08 -40.76
C LEU F 206 -27.63 23.49 -42.13
N TYR F 207 -26.39 23.07 -42.43
CA TYR F 207 -25.74 23.50 -43.70
C TYR F 207 -25.38 22.27 -44.53
N ALA F 208 -25.77 22.25 -45.81
CA ALA F 208 -25.52 21.06 -46.66
C ALA F 208 -24.00 20.83 -46.76
N GLU F 209 -23.22 21.90 -46.93
CA GLU F 209 -21.74 21.78 -47.01
C GLU F 209 -21.36 20.64 -47.96
N ILE F 217 -35.45 24.25 -46.40
CA ILE F 217 -36.33 23.25 -45.82
C ILE F 217 -36.22 23.26 -44.30
N SER F 218 -37.37 23.27 -43.63
CA SER F 218 -37.43 23.25 -42.16
C SER F 218 -37.93 21.87 -41.74
N THR F 219 -37.00 20.94 -41.62
CA THR F 219 -37.35 19.58 -41.26
C THR F 219 -37.51 19.47 -39.74
N VAL F 220 -38.42 18.57 -39.33
CA VAL F 220 -38.55 18.28 -37.91
C VAL F 220 -37.26 17.67 -37.37
N GLU F 221 -36.43 17.14 -38.27
CA GLU F 221 -35.14 16.60 -37.84
C GLU F 221 -34.18 17.72 -37.43
N CYS F 222 -34.30 18.91 -38.03
CA CYS F 222 -33.68 20.10 -37.45
C CYS F 222 -34.13 20.31 -36.01
N LYS F 223 -35.45 20.40 -35.81
CA LYS F 223 -36.01 20.71 -34.51
C LYS F 223 -35.62 19.67 -33.46
N ALA F 224 -35.22 18.48 -33.90
CA ALA F 224 -34.76 17.45 -32.99
C ALA F 224 -33.24 17.37 -32.90
N VAL F 225 -32.51 18.01 -33.82
CA VAL F 225 -31.06 18.03 -33.69
C VAL F 225 -30.56 19.28 -32.98
N MET F 226 -31.34 20.36 -32.98
CA MET F 226 -30.98 21.53 -32.18
C MET F 226 -31.19 21.26 -30.70
N VAL F 227 -32.24 20.52 -30.36
CA VAL F 227 -32.45 20.11 -28.97
C VAL F 227 -31.31 19.20 -28.52
N PHE F 228 -30.83 18.33 -29.41
CA PHE F 228 -29.67 17.52 -29.10
C PHE F 228 -28.38 18.31 -29.18
N PHE F 229 -28.38 19.45 -29.87
CA PHE F 229 -27.19 20.29 -29.93
C PHE F 229 -27.08 21.19 -28.70
N HIS F 230 -28.19 21.82 -28.32
CA HIS F 230 -28.18 22.63 -27.11
C HIS F 230 -28.10 21.80 -25.83
N TYR F 231 -28.22 20.47 -25.94
CA TYR F 231 -28.04 19.62 -24.77
C TYR F 231 -26.59 19.21 -24.60
N CYS F 232 -25.98 18.62 -25.63
CA CYS F 232 -24.61 18.16 -25.53
C CYS F 232 -23.61 19.30 -25.44
N VAL F 233 -24.06 20.55 -25.42
CA VAL F 233 -23.20 21.70 -25.19
C VAL F 233 -23.44 22.29 -23.80
N VAL F 234 -24.70 22.49 -23.43
CA VAL F 234 -25.01 22.95 -22.08
C VAL F 234 -24.54 21.93 -21.05
N SER F 235 -24.66 20.64 -21.38
CA SER F 235 -24.15 19.60 -20.48
C SER F 235 -22.64 19.60 -20.38
N ASN F 236 -21.94 20.27 -21.28
CA ASN F 236 -20.49 20.39 -21.18
C ASN F 236 -20.07 21.58 -20.33
N TYR F 237 -20.83 22.67 -20.36
CA TYR F 237 -20.58 23.78 -19.46
C TYR F 237 -20.94 23.44 -18.03
N PHE F 238 -21.66 22.35 -17.81
CA PHE F 238 -22.06 21.93 -16.47
C PHE F 238 -21.13 20.87 -15.91
N TRP F 239 -20.50 20.07 -16.77
CA TRP F 239 -19.52 19.11 -16.27
C TRP F 239 -18.16 19.78 -16.07
N LEU F 240 -17.98 20.97 -16.63
CA LEU F 240 -16.84 21.80 -16.24
C LEU F 240 -17.11 22.47 -14.91
N PHE F 241 -18.37 22.79 -14.62
CA PHE F 241 -18.71 23.42 -13.35
C PHE F 241 -18.77 22.38 -12.23
N ILE F 242 -19.37 21.22 -12.50
CA ILE F 242 -19.42 20.16 -11.51
C ILE F 242 -18.03 19.74 -11.09
N GLU F 243 -17.11 19.67 -12.05
CA GLU F 243 -15.74 19.25 -11.74
C GLU F 243 -15.02 20.30 -10.91
N GLY F 244 -15.31 21.57 -11.13
CA GLY F 244 -14.79 22.60 -10.25
C GLY F 244 -15.45 22.58 -8.88
N LEU F 245 -16.72 22.18 -8.83
CA LEU F 245 -17.42 22.07 -7.56
C LEU F 245 -16.96 20.83 -6.79
N TYR F 246 -16.52 19.80 -7.50
CA TYR F 246 -16.06 18.59 -6.83
C TYR F 246 -14.74 18.83 -6.10
N LEU F 247 -13.76 19.41 -6.79
CA LEU F 247 -12.48 19.70 -6.16
C LEU F 247 -12.64 20.75 -5.06
N PHE F 248 -13.60 21.65 -5.21
CA PHE F 248 -13.85 22.63 -4.15
C PHE F 248 -14.44 21.97 -2.92
N THR F 249 -15.23 20.92 -3.10
CA THR F 249 -15.73 20.16 -1.96
C THR F 249 -14.75 19.09 -1.49
N LEU F 250 -13.62 18.94 -2.16
CA LEU F 250 -12.56 18.08 -1.64
C LEU F 250 -11.62 18.85 -0.73
N LEU F 251 -11.48 20.16 -0.94
CA LEU F 251 -10.64 21.01 -0.11
C LEU F 251 -11.45 21.66 1.01
N VAL F 252 -12.50 22.38 0.64
CA VAL F 252 -13.51 22.77 1.63
C VAL F 252 -14.42 21.58 1.87
N GLU F 253 -14.86 21.41 3.12
CA GLU F 253 -15.60 20.23 3.55
C GLU F 253 -14.75 18.98 3.37
N THR F 254 -13.51 19.05 3.88
CA THR F 254 -12.59 17.93 3.76
C THR F 254 -13.07 16.74 4.58
N PHE F 255 -13.51 16.98 5.80
CA PHE F 255 -13.95 15.92 6.69
C PHE F 255 -15.43 15.61 6.47
N PHE F 256 -15.85 14.46 7.01
CA PHE F 256 -17.16 13.85 6.78
C PHE F 256 -17.65 14.08 5.35
N PRO F 257 -16.92 13.59 4.34
CA PRO F 257 -17.42 13.71 2.97
C PRO F 257 -18.59 12.78 2.73
N GLU F 258 -19.77 13.34 2.46
CA GLU F 258 -20.97 12.51 2.33
C GLU F 258 -20.81 11.49 1.22
N ARG F 259 -20.09 11.84 0.15
CA ARG F 259 -19.77 11.01 -1.01
C ARG F 259 -21.02 10.61 -1.78
N ARG F 260 -22.21 11.04 -1.35
CA ARG F 260 -23.38 10.95 -2.21
C ARG F 260 -23.40 12.11 -3.20
N TYR F 261 -22.54 13.11 -2.95
CA TYR F 261 -22.41 14.24 -3.87
C TYR F 261 -22.11 13.77 -5.29
N PHE F 262 -21.28 12.74 -5.44
CA PHE F 262 -20.98 12.22 -6.76
C PHE F 262 -22.24 11.69 -7.44
N TYR F 263 -23.14 11.08 -6.66
CA TYR F 263 -24.41 10.65 -7.22
C TYR F 263 -25.29 11.86 -7.56
N TRP F 264 -25.21 12.92 -6.76
CA TRP F 264 -25.95 14.14 -7.07
C TRP F 264 -25.31 14.90 -8.21
N TYR F 265 -24.05 14.61 -8.53
CA TYR F 265 -23.37 15.33 -9.59
C TYR F 265 -23.85 14.87 -10.97
N THR F 266 -24.11 13.57 -11.12
CA THR F 266 -24.68 13.07 -12.36
C THR F 266 -26.07 13.64 -12.59
N ILE F 267 -26.81 13.87 -11.52
CA ILE F 267 -28.14 14.47 -11.65
C ILE F 267 -28.04 15.94 -12.04
N ILE F 268 -26.90 16.57 -11.77
CA ILE F 268 -26.71 17.96 -12.17
C ILE F 268 -25.96 18.06 -13.50
N GLY F 269 -24.98 17.19 -13.73
CA GLY F 269 -24.25 17.24 -14.98
C GLY F 269 -25.11 16.86 -16.18
N TRP F 270 -25.86 15.77 -16.05
CA TRP F 270 -26.69 15.27 -17.13
C TRP F 270 -28.18 15.54 -16.96
N GLY F 271 -28.60 16.09 -15.82
CA GLY F 271 -30.01 16.29 -15.56
C GLY F 271 -30.48 17.72 -15.72
N THR F 272 -29.70 18.67 -15.24
CA THR F 272 -30.07 20.08 -15.39
C THR F 272 -30.08 20.54 -16.85
N PRO F 273 -29.16 20.11 -17.72
CA PRO F 273 -29.33 20.44 -19.15
C PRO F 273 -30.65 19.96 -19.73
N THR F 274 -31.07 18.73 -19.38
CA THR F 274 -32.36 18.23 -19.85
C THR F 274 -33.51 19.12 -19.38
N VAL F 275 -33.37 19.74 -18.21
CA VAL F 275 -34.41 20.64 -17.73
C VAL F 275 -34.39 21.95 -18.51
N CYS F 276 -33.21 22.54 -18.70
CA CYS F 276 -33.12 23.84 -19.34
C CYS F 276 -33.31 23.77 -20.85
N VAL F 277 -32.98 22.64 -21.46
CA VAL F 277 -33.19 22.48 -22.90
C VAL F 277 -34.67 22.27 -23.20
N THR F 278 -35.31 21.38 -22.44
CA THR F 278 -36.73 21.09 -22.66
C THR F 278 -37.58 22.34 -22.47
N VAL F 279 -37.27 23.15 -21.45
CA VAL F 279 -37.98 24.42 -21.27
C VAL F 279 -37.73 25.32 -22.47
N TRP F 280 -36.53 25.28 -23.05
CA TRP F 280 -36.25 26.06 -24.25
C TRP F 280 -36.97 25.47 -25.46
N ALA F 281 -36.94 24.15 -25.60
CA ALA F 281 -37.56 23.51 -26.76
C ALA F 281 -39.06 23.76 -26.78
N THR F 282 -39.75 23.45 -25.67
CA THR F 282 -41.19 23.65 -25.61
C THR F 282 -41.58 25.13 -25.60
N LEU F 283 -40.62 26.03 -25.46
CA LEU F 283 -40.89 27.46 -25.61
C LEU F 283 -40.78 27.93 -27.06
N ARG F 284 -40.07 27.19 -27.90
CA ARG F 284 -40.01 27.55 -29.32
C ARG F 284 -41.28 27.16 -30.04
N LEU F 285 -41.84 25.98 -29.74
CA LEU F 285 -43.05 25.53 -30.42
C LEU F 285 -44.27 26.36 -30.04
N TYR F 286 -44.17 27.19 -29.01
CA TYR F 286 -45.31 27.97 -28.55
C TYR F 286 -45.21 29.46 -28.83
N PHE F 287 -43.99 30.02 -28.89
CA PHE F 287 -43.82 31.45 -29.10
C PHE F 287 -43.15 31.77 -30.43
N ASP F 288 -41.94 31.26 -30.66
CA ASP F 288 -41.17 31.58 -31.87
C ASP F 288 -40.68 30.27 -32.48
N ASP F 289 -41.30 29.85 -33.59
CA ASP F 289 -40.89 28.67 -34.35
C ASP F 289 -40.50 29.14 -35.75
N THR F 290 -39.21 29.35 -35.96
CA THR F 290 -38.68 29.86 -37.23
C THR F 290 -37.67 28.85 -37.77
N GLY F 291 -38.08 28.08 -38.78
CA GLY F 291 -37.15 27.18 -39.43
C GLY F 291 -36.63 26.12 -38.49
N CYS F 292 -35.33 25.86 -38.58
CA CYS F 292 -34.64 24.93 -37.70
C CYS F 292 -34.35 25.54 -36.33
N TRP F 293 -34.90 26.73 -36.06
CA TRP F 293 -34.55 27.58 -34.93
C TRP F 293 -33.05 27.55 -34.59
N ASP F 294 -32.25 27.92 -35.59
CA ASP F 294 -30.84 28.19 -35.35
C ASP F 294 -30.53 29.67 -35.26
N MET F 295 -31.55 30.53 -35.34
CA MET F 295 -31.31 31.96 -35.35
C MET F 295 -31.19 32.52 -33.94
N ASN F 296 -32.04 32.06 -33.02
CA ASN F 296 -32.07 32.56 -31.65
C ASN F 296 -32.26 34.08 -31.62
N ASP F 297 -33.15 34.58 -32.49
CA ASP F 297 -33.43 36.01 -32.50
C ASP F 297 -34.13 36.45 -31.22
N SER F 298 -35.04 35.63 -30.71
CA SER F 298 -35.73 35.95 -29.46
C SER F 298 -34.75 35.78 -28.30
N THR F 299 -34.21 36.91 -27.82
CA THR F 299 -33.22 36.85 -26.75
C THR F 299 -33.83 36.39 -25.44
N ALA F 300 -35.13 36.62 -25.24
CA ALA F 300 -35.79 36.11 -24.04
C ALA F 300 -35.78 34.59 -24.01
N LEU F 301 -36.02 33.95 -25.15
CA LEU F 301 -35.95 32.50 -25.23
C LEU F 301 -34.52 31.99 -25.35
N TRP F 302 -33.59 32.85 -25.78
CA TRP F 302 -32.19 32.45 -25.86
C TRP F 302 -31.52 32.49 -24.49
N TRP F 303 -32.00 33.33 -23.58
CA TRP F 303 -31.46 33.38 -22.23
C TRP F 303 -31.85 32.17 -21.40
N VAL F 304 -32.74 31.31 -21.91
CA VAL F 304 -33.04 30.05 -21.24
C VAL F 304 -31.89 29.07 -21.42
N ILE F 305 -31.13 29.21 -22.50
CA ILE F 305 -29.93 28.38 -22.70
C ILE F 305 -28.68 29.10 -22.27
N LYS F 306 -28.54 30.39 -22.63
CA LYS F 306 -27.38 31.17 -22.23
C LYS F 306 -27.37 31.50 -20.75
N GLY F 307 -28.50 31.37 -20.06
CA GLY F 307 -28.58 31.66 -18.65
C GLY F 307 -27.80 30.66 -17.81
N PRO F 308 -28.22 29.39 -17.85
CA PRO F 308 -27.45 28.35 -17.15
C PRO F 308 -26.01 28.22 -17.64
N VAL F 309 -25.74 28.53 -18.90
CA VAL F 309 -24.38 28.41 -19.41
C VAL F 309 -23.48 29.47 -18.80
N VAL F 310 -23.92 30.74 -18.83
CA VAL F 310 -23.15 31.80 -18.21
C VAL F 310 -23.22 31.69 -16.69
N GLY F 311 -24.30 31.12 -16.16
CA GLY F 311 -24.39 30.92 -14.72
C GLY F 311 -23.32 29.99 -14.20
N SER F 312 -23.05 28.91 -14.92
CA SER F 312 -22.00 27.97 -14.55
C SER F 312 -20.62 28.43 -14.99
N ILE F 313 -20.46 29.71 -15.32
CA ILE F 313 -19.17 30.29 -15.59
C ILE F 313 -18.78 31.35 -14.57
N MET F 314 -19.76 32.07 -14.00
CA MET F 314 -19.47 32.96 -12.88
C MET F 314 -19.32 32.19 -11.58
N VAL F 315 -19.99 31.05 -11.44
CA VAL F 315 -19.83 30.21 -10.27
C VAL F 315 -18.59 29.34 -10.37
N ASN F 316 -18.28 28.83 -11.57
CA ASN F 316 -17.07 28.04 -11.74
C ASN F 316 -15.82 28.91 -11.69
N PHE F 317 -16.00 30.23 -11.68
CA PHE F 317 -14.85 31.11 -11.54
C PHE F 317 -14.53 31.37 -10.07
N VAL F 318 -15.56 31.62 -9.25
CA VAL F 318 -15.33 31.86 -7.83
C VAL F 318 -14.86 30.58 -7.15
N LEU F 319 -15.21 29.41 -7.71
CA LEU F 319 -14.67 28.16 -7.20
C LEU F 319 -13.24 27.95 -7.67
N PHE F 320 -12.86 28.60 -8.77
CA PHE F 320 -11.47 28.52 -9.22
C PHE F 320 -10.56 29.39 -8.35
N ILE F 321 -11.08 30.54 -7.91
CA ILE F 321 -10.30 31.40 -7.01
C ILE F 321 -10.20 30.76 -5.63
N GLY F 322 -11.31 30.18 -5.15
CA GLY F 322 -11.29 29.52 -3.86
C GLY F 322 -10.28 28.40 -3.79
N ILE F 323 -10.05 27.71 -4.92
CA ILE F 323 -9.03 26.67 -4.96
C ILE F 323 -7.64 27.27 -5.03
N ILE F 324 -7.50 28.38 -5.75
CA ILE F 324 -6.20 29.05 -5.83
C ILE F 324 -5.84 29.67 -4.49
N VAL F 325 -6.83 30.19 -3.78
CA VAL F 325 -6.59 30.74 -2.44
C VAL F 325 -6.14 29.62 -1.50
N ILE F 326 -6.81 28.48 -1.55
CA ILE F 326 -6.46 27.36 -0.67
C ILE F 326 -5.13 26.74 -1.08
N LEU F 327 -4.87 26.66 -2.39
CA LEU F 327 -3.64 26.05 -2.86
C LEU F 327 -2.42 26.86 -2.45
N VAL F 328 -2.52 28.19 -2.49
CA VAL F 328 -1.36 29.02 -2.16
C VAL F 328 -1.06 28.96 -0.67
N GLN F 329 -2.09 28.75 0.15
CA GLN F 329 -1.86 28.56 1.59
C GLN F 329 -1.04 27.30 1.84
N LYS F 330 -1.22 26.28 0.99
CA LYS F 330 -0.35 25.12 1.06
C LYS F 330 1.05 25.44 0.58
N LEU F 331 1.19 26.47 -0.26
CA LEU F 331 2.51 26.91 -0.70
C LEU F 331 3.12 27.93 0.25
N GLN F 332 2.28 28.79 0.83
CA GLN F 332 2.79 29.78 1.78
C GLN F 332 3.37 29.15 3.04
N SER F 333 2.90 27.95 3.41
CA SER F 333 3.35 27.32 4.64
C SER F 333 4.75 26.74 4.47
N PRO F 334 5.57 26.78 5.53
CA PRO F 334 6.91 26.21 5.47
C PRO F 334 6.96 24.70 5.44
N ASP F 335 5.83 24.03 5.30
CA ASP F 335 5.78 22.57 5.21
C ASP F 335 6.39 22.09 3.90
N SER F 342 10.80 29.63 -5.78
CA SER F 342 10.08 28.89 -6.82
C SER F 342 8.62 28.70 -6.45
N ILE F 343 8.12 29.54 -5.55
CA ILE F 343 6.71 29.45 -5.15
C ILE F 343 5.82 30.04 -6.24
N TYR F 344 6.30 31.08 -6.92
CA TYR F 344 5.53 31.65 -8.02
C TYR F 344 5.58 30.76 -9.25
N LEU F 345 6.62 29.94 -9.40
CA LEU F 345 6.76 29.13 -10.60
C LEU F 345 5.78 27.96 -10.59
N ARG F 346 5.55 27.35 -9.42
CA ARG F 346 4.67 26.20 -9.37
C ARG F 346 3.22 26.61 -9.19
N LEU F 347 2.98 27.73 -8.51
CA LEU F 347 1.63 28.27 -8.46
C LEU F 347 1.15 28.67 -9.85
N ALA F 348 2.04 29.20 -10.68
CA ALA F 348 1.68 29.53 -12.05
C ALA F 348 1.46 28.27 -12.87
N ARG F 349 2.30 27.25 -12.64
CA ARG F 349 2.11 25.97 -13.34
C ARG F 349 0.78 25.33 -12.95
N SER F 350 0.39 25.46 -11.69
CA SER F 350 -0.86 24.87 -11.25
C SER F 350 -2.05 25.62 -11.80
N THR F 351 -1.95 26.94 -11.91
CA THR F 351 -3.04 27.73 -12.48
C THR F 351 -3.26 27.38 -13.95
N LEU F 352 -2.18 27.06 -14.67
CA LEU F 352 -2.32 26.68 -16.07
C LEU F 352 -2.91 25.29 -16.20
N LEU F 353 -3.02 24.55 -15.09
CA LEU F 353 -3.65 23.24 -15.11
C LEU F 353 -5.15 23.33 -14.81
N LEU F 354 -5.54 24.28 -13.97
CA LEU F 354 -6.94 24.40 -13.58
C LEU F 354 -7.75 25.16 -14.62
N ILE F 355 -7.08 25.89 -15.51
CA ILE F 355 -7.80 26.69 -16.50
C ILE F 355 -8.51 25.82 -17.53
N PRO F 356 -7.87 24.84 -18.18
CA PRO F 356 -8.63 24.02 -19.14
C PRO F 356 -9.63 23.09 -18.49
N LEU F 357 -9.36 22.66 -17.25
CA LEU F 357 -10.27 21.72 -16.59
C LEU F 357 -11.55 22.41 -16.12
N PHE F 358 -11.45 23.68 -15.73
CA PHE F 358 -12.61 24.43 -15.25
C PHE F 358 -13.23 25.29 -16.34
N GLY F 359 -12.58 25.44 -17.49
CA GLY F 359 -13.07 26.33 -18.51
C GLY F 359 -13.04 27.77 -18.07
N ILE F 360 -11.85 28.24 -17.66
CA ILE F 360 -11.71 29.61 -17.23
C ILE F 360 -11.48 30.55 -18.40
N HIS F 361 -11.12 30.01 -19.58
CA HIS F 361 -11.02 30.85 -20.76
C HIS F 361 -12.40 31.29 -21.23
N TYR F 362 -13.45 30.65 -20.73
CA TYR F 362 -14.81 31.11 -21.01
C TYR F 362 -15.17 32.33 -20.20
N THR F 363 -14.37 32.65 -19.18
CA THR F 363 -14.67 33.81 -18.34
C THR F 363 -14.30 35.11 -19.04
N VAL F 364 -13.39 35.05 -20.02
CA VAL F 364 -12.95 36.26 -20.72
C VAL F 364 -14.12 36.94 -21.40
N PHE F 365 -14.88 36.20 -22.20
CA PHE F 365 -15.94 36.76 -23.02
C PHE F 365 -17.33 36.53 -22.44
N ALA F 366 -17.44 35.88 -21.29
CA ALA F 366 -18.73 35.77 -20.65
C ALA F 366 -19.15 37.12 -20.07
N PHE F 367 -20.46 37.27 -19.86
CA PHE F 367 -21.08 38.50 -19.39
C PHE F 367 -20.82 39.68 -20.33
N SER F 368 -20.34 39.42 -21.53
CA SER F 368 -20.10 40.39 -22.58
C SER F 368 -21.18 40.27 -23.66
N PRO F 369 -21.70 41.38 -24.15
CA PRO F 369 -22.72 41.31 -25.21
C PRO F 369 -22.17 40.62 -26.44
N GLU F 370 -23.08 39.98 -27.19
CA GLU F 370 -22.65 39.21 -28.35
C GLU F 370 -22.15 40.11 -29.47
N ASN F 371 -22.59 41.36 -29.51
CA ASN F 371 -22.31 42.22 -30.65
C ASN F 371 -21.04 43.03 -30.47
N VAL F 372 -20.57 43.23 -29.23
CA VAL F 372 -19.48 44.16 -29.00
C VAL F 372 -18.20 43.71 -29.70
N SER F 373 -17.85 42.43 -29.61
CA SER F 373 -16.70 41.90 -30.34
C SER F 373 -16.95 40.41 -30.55
N LYS F 374 -17.39 40.07 -31.76
CA LYS F 374 -17.78 38.70 -32.09
C LYS F 374 -16.78 38.00 -32.99
N ARG F 375 -16.09 38.74 -33.86
CA ARG F 375 -15.10 38.11 -34.72
C ARG F 375 -13.97 37.49 -33.91
N GLU F 376 -13.58 38.13 -32.82
CA GLU F 376 -12.53 37.58 -31.96
C GLU F 376 -13.10 36.69 -30.86
N ARG F 377 -14.37 36.85 -30.51
CA ARG F 377 -14.98 35.99 -29.50
C ARG F 377 -15.08 34.55 -29.99
N LEU F 378 -15.26 34.35 -31.29
CA LEU F 378 -15.46 33.01 -31.82
C LEU F 378 -14.15 32.33 -32.16
N VAL F 379 -13.15 33.07 -32.63
CA VAL F 379 -11.86 32.45 -32.88
C VAL F 379 -11.16 32.07 -31.59
N PHE F 380 -11.51 32.71 -30.47
CA PHE F 380 -10.90 32.39 -29.20
C PHE F 380 -11.68 31.29 -28.45
N GLU F 381 -13.01 31.41 -28.37
CA GLU F 381 -13.80 30.45 -27.65
C GLU F 381 -14.18 29.23 -28.47
N LEU F 382 -14.09 29.30 -29.79
CA LEU F 382 -14.38 28.15 -30.65
C LEU F 382 -13.19 27.69 -31.46
N GLY F 383 -12.39 28.61 -31.98
CA GLY F 383 -11.21 28.23 -32.73
C GLY F 383 -10.22 27.46 -31.89
N LEU F 384 -9.67 28.11 -30.87
CA LEU F 384 -8.76 27.46 -29.94
C LEU F 384 -9.46 26.99 -28.68
N GLY F 385 -10.71 27.41 -28.45
CA GLY F 385 -11.47 26.91 -27.32
C GLY F 385 -12.05 25.54 -27.54
N SER F 386 -12.17 25.09 -28.78
CA SER F 386 -12.61 23.73 -29.07
C SER F 386 -11.49 22.72 -28.84
N PHE F 387 -10.24 23.18 -28.74
CA PHE F 387 -9.13 22.32 -28.37
C PHE F 387 -9.05 22.08 -26.87
N GLN F 388 -10.08 22.49 -26.12
CA GLN F 388 -10.06 22.28 -24.68
C GLN F 388 -10.19 20.81 -24.33
N GLY F 389 -11.02 20.07 -25.07
CA GLY F 389 -11.14 18.64 -24.82
C GLY F 389 -9.83 17.91 -25.03
N PHE F 390 -9.04 18.36 -26.00
CA PHE F 390 -7.73 17.76 -26.24
C PHE F 390 -6.74 18.12 -25.15
N VAL F 391 -6.78 19.38 -24.70
CA VAL F 391 -5.87 19.81 -23.64
C VAL F 391 -6.24 19.13 -22.33
N VAL F 392 -7.53 18.98 -22.05
CA VAL F 392 -7.98 18.35 -20.82
C VAL F 392 -7.53 16.91 -20.76
N ALA F 393 -7.55 16.22 -21.91
CA ALA F 393 -7.16 14.81 -21.94
C ALA F 393 -5.67 14.65 -21.66
N VAL F 394 -4.83 15.36 -22.42
CA VAL F 394 -3.38 15.16 -22.30
C VAL F 394 -2.87 15.69 -20.96
N LEU F 395 -3.57 16.63 -20.35
CA LEU F 395 -3.12 17.18 -19.07
C LEU F 395 -3.53 16.27 -17.91
N TYR F 396 -4.74 15.70 -17.98
CA TYR F 396 -5.27 15.02 -16.81
C TYR F 396 -5.25 13.50 -16.97
N CYS F 397 -5.51 12.99 -18.17
CA CYS F 397 -5.38 11.54 -18.40
C CYS F 397 -3.92 11.19 -18.66
N PHE F 398 -3.36 11.69 -19.76
CA PHE F 398 -1.93 11.54 -19.99
C PHE F 398 -1.16 12.51 -19.11
N LEU F 399 0.16 12.40 -19.15
CA LEU F 399 1.06 13.31 -18.43
C LEU F 399 0.71 13.37 -16.95
N ASN F 400 0.21 12.25 -16.43
CA ASN F 400 -0.20 12.14 -15.03
C ASN F 400 0.63 11.05 -14.38
N GLY F 401 1.26 11.38 -13.25
CA GLY F 401 2.15 10.42 -12.61
C GLY F 401 1.47 9.13 -12.22
N GLU F 402 0.20 9.22 -11.81
CA GLU F 402 -0.55 8.01 -11.45
C GLU F 402 -0.92 7.22 -12.70
N VAL F 403 -1.30 7.91 -13.77
CA VAL F 403 -1.72 7.21 -14.98
C VAL F 403 -0.52 6.72 -15.77
N GLN F 404 0.53 7.55 -15.86
CA GLN F 404 1.73 7.16 -16.59
C GLN F 404 2.36 5.90 -15.99
N ALA F 405 2.26 5.75 -14.66
CA ALA F 405 2.81 4.57 -14.01
C ALA F 405 2.08 3.31 -14.47
N GLU F 406 0.77 3.40 -14.69
CA GLU F 406 -0.01 2.22 -15.05
C GLU F 406 0.39 1.68 -16.41
N ILE F 407 0.61 2.56 -17.38
CA ILE F 407 1.10 2.11 -18.68
C ILE F 407 2.50 1.54 -18.55
N LYS F 408 3.33 2.19 -17.73
CA LYS F 408 4.72 1.74 -17.47
C LYS F 408 4.68 0.33 -16.85
N ARG F 409 3.93 0.18 -15.75
CA ARG F 409 3.88 -1.15 -15.05
C ARG F 409 3.30 -2.20 -15.99
N LYS F 410 2.25 -1.86 -16.74
CA LYS F 410 1.61 -2.83 -17.66
C LYS F 410 2.46 -2.97 -18.93
N TRP F 411 3.52 -2.18 -19.06
CA TRP F 411 4.47 -2.43 -20.15
C TRP F 411 5.48 -3.50 -19.77
N ARG F 412 6.03 -3.41 -18.55
CA ARG F 412 6.95 -4.45 -18.09
C ARG F 412 6.21 -5.77 -17.88
N SER F 413 4.91 -5.71 -17.60
CA SER F 413 4.11 -6.93 -17.50
C SER F 413 3.94 -7.59 -18.86
N TRP F 414 4.11 -6.82 -19.93
CA TRP F 414 4.04 -7.38 -21.28
C TRP F 414 5.39 -7.89 -21.72
#